data_7CE2
#
_entry.id   7CE2
#
_cell.length_a   59.690
_cell.length_b   136.990
_cell.length_c   137.370
_cell.angle_alpha   90.000
_cell.angle_beta   90.000
_cell.angle_gamma   90.000
#
_symmetry.space_group_name_H-M   'P 21 21 21'
#
loop_
_entity.id
_entity.type
_entity.pdbx_description
1 polymer 'Tetanus toxin'
2 polymer 'neutralizing antibody heavy chain'
3 polymer 'neutralizing antibody light chain'
4 water water
#
loop_
_entity_poly.entity_id
_entity_poly.type
_entity_poly.pdbx_seq_one_letter_code
_entity_poly.pdbx_strand_id
1 'polypeptide(L)'
;MKNLDCWVDNEEDIDVILKKSTILNLDINNDIISDISGFNSSVITYPDAQLVPGINGKAIHLVNNESSEVIVHKAMDIEY
NDMFNNFTVSFWLRVPKVSASHLEQYDTNEYSIISSMKKYSLSIGSGWSVSLKGNNLIWTLKDSAGEVRQITFRDLSDKF
NAYLANKWVFITITNDRLSSANLYINGVLMGSAEITGLGAIREDNNITLKLDRCNNNNQYVSIDKFRIFCKALNPKEIEK
LYTSYLSITFLRDFWGNPLRYDTEYYLIPVAYSSKDVQLKNITDYMYLTNAPSYTNGKLNIYYRRLYSGLKFIIKRYTPN
NEIDSFVRSGDFIKLYVSYNNNEHIVGYPKDGNAFNNLDRILRVGYNAPGIPLYKKMEAVKLRDLKTYSVQLKLYDDKDA
SLGLVGTHNGQIGNDPNRDILIASNWYFNHLKDKTLTCDWYFVPTDEGWTNDHHHHHH
;
A
2 'polypeptide(L)'
;QVQLQESGPGLVKPSETLSLRCTVSGGSISSYYWSWFRQPPGKGLEWIGYVHYSGSTNYNPSLKSRFTLSVDTSKSQFSL
RLRSVTAADTAIYYCARDKYQTDVSDIWGQGTVVTVSSASTKGPSVFPLAPSSKSTSGGTAALGCLVKDYFPEPVTVSWN
SGALTSGVHTFPAVLQSSGLYSLSSVVTVPSSSLGTQTYICNVNHKPSNTKVDKRVEPKSCDK
;
Z
3 'polypeptide(L)'
;DIQMTQSPGTLSLSPGERATLSCRASQSITSSFLAWYQQKPGQAPRLLIYGASSRATGIPDRFSGSGSGTDFILTISRLE
PEDFAVYYCQQYDTSRTFGQGTTVEIKRTVAAPSVFIFPPSDEQLKSGTASVVCLLNNFYPREAKVQWKVDNALQSGNSQ
ESVTEQDSKDSTYSLSSTLTLSKADYEKHKVYACEVTHQGLSSPVTKSFNRGEC
;
B
#
# COMPACT_ATOMS: atom_id res chain seq x y z
N CYS A 6 29.25 30.82 -17.59
CA CYS A 6 28.49 31.06 -16.37
C CYS A 6 28.93 30.08 -15.29
N TRP A 7 30.06 30.39 -14.64
CA TRP A 7 30.79 29.46 -13.78
C TRP A 7 30.03 29.16 -12.45
N VAL A 8 30.40 28.07 -11.77
CA VAL A 8 29.82 27.70 -10.47
C VAL A 8 30.69 26.73 -9.66
N ASP A 9 30.79 27.07 -8.39
CA ASP A 9 30.98 26.19 -7.23
C ASP A 9 30.01 25.02 -7.23
N ASN A 10 30.45 23.82 -7.64
CA ASN A 10 29.57 22.66 -7.77
C ASN A 10 29.27 21.95 -6.44
N GLU A 11 29.59 22.57 -5.30
CA GLU A 11 29.07 22.13 -4.00
C GLU A 11 27.72 22.82 -3.69
N GLU A 12 27.23 23.63 -4.61
CA GLU A 12 26.02 24.41 -4.42
C GLU A 12 24.77 23.51 -4.42
N ASP A 13 23.66 24.08 -3.97
CA ASP A 13 22.34 23.48 -4.14
C ASP A 13 22.03 23.21 -5.61
N ILE A 14 21.36 22.10 -5.89
CA ILE A 14 21.23 21.62 -7.28
C ILE A 14 20.47 22.62 -8.13
N ASP A 15 19.34 23.13 -7.64
CA ASP A 15 18.60 24.16 -8.37
C ASP A 15 19.51 25.33 -8.72
N VAL A 16 20.30 25.81 -7.76
CA VAL A 16 21.20 26.92 -8.07
C VAL A 16 22.21 26.50 -9.14
N ILE A 17 22.71 25.26 -9.08
CA ILE A 17 23.69 24.80 -10.08
C ILE A 17 23.09 24.87 -11.47
N LEU A 18 21.87 24.34 -11.63
CA LEU A 18 21.23 24.30 -12.93
C LEU A 18 20.99 25.71 -13.46
N LYS A 19 20.56 26.62 -12.58
CA LYS A 19 20.22 27.96 -13.03
C LYS A 19 21.47 28.73 -13.48
N LYS A 20 22.53 28.69 -12.70
CA LYS A 20 23.63 29.56 -13.05
C LYS A 20 24.63 28.94 -14.02
N SER A 21 24.56 27.64 -14.28
CA SER A 21 25.43 27.09 -15.31
C SER A 21 24.81 27.18 -16.69
N THR A 22 23.59 27.69 -16.80
CA THR A 22 22.90 27.80 -18.08
C THR A 22 23.52 28.93 -18.89
N ILE A 23 24.15 28.58 -20.01
CA ILE A 23 24.75 29.55 -20.92
C ILE A 23 23.72 30.05 -21.93
N LEU A 24 22.74 29.22 -22.25
CA LEU A 24 21.78 29.49 -23.30
C LEU A 24 20.51 28.74 -22.96
N ASN A 25 19.35 29.35 -23.23
CA ASN A 25 18.07 28.76 -22.86
C ASN A 25 16.99 29.42 -23.70
N LEU A 26 16.45 28.69 -24.68
CA LEU A 26 15.45 29.23 -25.58
C LEU A 26 14.05 29.05 -25.00
N ASP A 27 13.29 30.13 -24.94
CA ASP A 27 11.90 30.09 -24.53
C ASP A 27 11.05 30.81 -25.57
N ILE A 28 9.79 30.43 -25.64
CA ILE A 28 8.83 31.04 -26.55
C ILE A 28 7.80 31.80 -25.74
N ASN A 29 7.75 33.12 -25.92
CA ASN A 29 6.83 33.99 -25.20
C ASN A 29 6.19 34.93 -26.21
N ASN A 30 4.86 35.01 -26.17
CA ASN A 30 4.10 35.77 -27.16
C ASN A 30 4.58 35.46 -28.58
N ASP A 31 4.79 34.16 -28.84
CA ASP A 31 5.13 33.65 -30.17
C ASP A 31 6.48 34.16 -30.66
N ILE A 32 7.40 34.48 -29.77
CA ILE A 32 8.73 34.95 -30.16
C ILE A 32 9.76 34.09 -29.44
N ILE A 33 10.63 33.45 -30.22
CA ILE A 33 11.70 32.63 -29.66
C ILE A 33 12.83 33.56 -29.19
N SER A 34 13.24 33.41 -27.94
CA SER A 34 14.28 34.27 -27.39
C SER A 34 15.14 33.48 -26.41
N ASP A 35 16.24 34.10 -26.00
CA ASP A 35 17.17 33.52 -25.04
C ASP A 35 16.90 34.17 -23.67
N ILE A 36 16.48 33.36 -22.71
CA ILE A 36 16.17 33.85 -21.36
C ILE A 36 17.28 33.51 -20.36
N SER A 37 18.45 33.10 -20.85
CA SER A 37 19.54 32.72 -19.96
C SER A 37 20.11 33.92 -19.22
N GLY A 38 20.02 35.11 -19.81
CA GLY A 38 20.63 36.30 -19.24
C GLY A 38 21.86 36.72 -19.98
N PHE A 39 22.40 35.88 -20.85
CA PHE A 39 23.53 36.25 -21.67
C PHE A 39 23.07 36.83 -23.01
N ASN A 40 21.79 36.72 -23.33
CA ASN A 40 21.14 37.52 -24.38
C ASN A 40 21.75 37.26 -25.76
N SER A 41 21.83 35.99 -26.12
CA SER A 41 22.24 35.65 -27.48
C SER A 41 21.08 35.92 -28.42
N SER A 42 21.37 36.55 -29.55
CA SER A 42 20.33 36.90 -30.51
C SER A 42 19.81 35.66 -31.21
N VAL A 43 18.49 35.55 -31.32
CA VAL A 43 17.83 34.43 -31.98
C VAL A 43 17.05 34.97 -33.18
N ILE A 44 17.27 34.37 -34.35
CA ILE A 44 16.59 34.76 -35.58
C ILE A 44 15.71 33.61 -36.02
N THR A 45 14.42 33.88 -36.14
CA THR A 45 13.43 32.89 -36.58
C THR A 45 13.12 33.18 -38.04
N TYR A 46 13.30 32.21 -38.88
CA TYR A 46 13.05 32.38 -40.30
C TYR A 46 11.59 32.10 -40.62
N PRO A 47 11.09 32.63 -41.75
CA PRO A 47 9.64 32.59 -42.00
C PRO A 47 8.93 31.28 -41.73
N ASP A 48 9.50 30.16 -42.17
CA ASP A 48 8.80 28.87 -42.08
C ASP A 48 9.17 28.07 -40.84
N ALA A 49 9.83 28.68 -39.86
CA ALA A 49 9.91 28.05 -38.54
C ALA A 49 8.56 28.18 -37.87
N GLN A 50 7.92 27.05 -37.59
CA GLN A 50 6.56 27.04 -37.08
C GLN A 50 6.56 26.84 -35.56
N LEU A 51 5.43 27.14 -34.95
CA LEU A 51 5.23 26.97 -33.51
C LEU A 51 4.06 26.02 -33.26
N VAL A 52 4.26 25.03 -32.41
CA VAL A 52 3.26 24.00 -32.14
C VAL A 52 3.06 23.87 -30.64
N PRO A 53 2.04 23.13 -30.18
CA PRO A 53 1.93 22.89 -28.73
C PRO A 53 3.17 22.15 -28.23
N GLY A 54 3.63 22.52 -27.05
CA GLY A 54 4.78 21.89 -26.45
C GLY A 54 4.57 21.36 -25.05
N ILE A 55 5.65 21.25 -24.29
CA ILE A 55 5.58 20.75 -22.92
C ILE A 55 5.15 21.85 -21.96
N ASN A 56 5.63 23.08 -22.19
CA ASN A 56 5.15 24.25 -21.46
C ASN A 56 5.00 25.36 -22.46
N GLY A 57 3.76 25.71 -22.81
CA GLY A 57 3.56 26.66 -23.88
C GLY A 57 3.86 26.01 -25.22
N LYS A 58 4.50 26.76 -26.11
CA LYS A 58 4.70 26.32 -27.47
C LYS A 58 6.14 25.83 -27.70
N ALA A 59 6.33 25.12 -28.81
CA ALA A 59 7.60 24.52 -29.16
C ALA A 59 7.97 24.88 -30.60
N ILE A 60 9.25 24.71 -30.93
CA ILE A 60 9.73 24.95 -32.29
C ILE A 60 9.39 23.73 -33.15
N HIS A 61 8.87 23.99 -34.35
CA HIS A 61 8.53 22.94 -35.31
C HIS A 61 9.25 23.23 -36.62
N LEU A 62 10.08 22.30 -37.05
CA LEU A 62 10.94 22.46 -38.23
C LEU A 62 10.51 21.48 -39.32
N VAL A 63 10.34 22.01 -40.54
CA VAL A 63 10.00 21.18 -41.69
C VAL A 63 11.17 21.25 -42.67
N ASN A 64 11.10 20.43 -43.71
CA ASN A 64 12.27 20.22 -44.58
C ASN A 64 12.25 21.19 -45.77
N ASN A 65 12.63 22.43 -45.49
CA ASN A 65 12.93 23.39 -46.55
C ASN A 65 13.81 24.49 -45.97
N GLU A 66 14.43 25.26 -46.87
CA GLU A 66 15.48 26.19 -46.49
C GLU A 66 14.98 27.31 -45.59
N SER A 67 13.68 27.57 -45.57
CA SER A 67 13.16 28.68 -44.78
C SER A 67 12.76 28.27 -43.36
N SER A 68 12.74 26.97 -43.04
CA SER A 68 12.31 26.49 -41.72
C SER A 68 13.57 26.28 -40.87
N GLU A 69 13.99 27.33 -40.17
CA GLU A 69 15.23 27.27 -39.41
C GLU A 69 15.18 28.33 -38.32
N VAL A 70 15.92 28.07 -37.24
CA VAL A 70 16.11 29.01 -36.13
C VAL A 70 17.61 29.06 -35.88
N ILE A 71 18.18 30.28 -35.81
CA ILE A 71 19.62 30.46 -35.68
C ILE A 71 19.88 31.26 -34.42
N VAL A 72 20.84 30.80 -33.62
CA VAL A 72 21.26 31.49 -32.41
C VAL A 72 22.65 32.03 -32.65
N HIS A 73 22.78 33.36 -32.72
CA HIS A 73 24.08 34.02 -32.75
C HIS A 73 24.58 34.11 -31.32
N LYS A 74 25.48 33.21 -30.94
CA LYS A 74 26.05 33.25 -29.62
C LYS A 74 26.49 34.68 -29.36
N ALA A 75 25.96 35.28 -28.29
CA ALA A 75 26.25 36.69 -28.07
C ALA A 75 27.76 36.89 -27.99
N MET A 76 28.19 38.14 -28.06
CA MET A 76 29.61 38.36 -28.16
C MET A 76 30.21 38.06 -26.78
N ASP A 77 31.48 37.71 -26.83
CA ASP A 77 31.88 36.32 -26.65
C ASP A 77 31.50 35.55 -25.40
N ILE A 78 30.69 34.53 -25.68
CA ILE A 78 30.38 33.46 -24.75
C ILE A 78 31.12 32.22 -25.22
N GLU A 79 31.69 31.49 -24.27
CA GLU A 79 32.45 30.29 -24.54
C GLU A 79 31.94 29.18 -23.63
N TYR A 80 31.63 28.02 -24.20
CA TYR A 80 31.14 26.91 -23.38
C TYR A 80 31.82 25.60 -23.77
N ASN A 81 32.19 25.44 -25.05
CA ASN A 81 33.10 24.38 -25.47
C ASN A 81 34.54 24.86 -25.29
N ASP A 82 34.97 25.78 -26.14
CA ASP A 82 36.34 26.28 -26.14
C ASP A 82 37.25 25.05 -26.16
N MET A 83 38.20 24.92 -25.23
CA MET A 83 39.19 23.84 -25.20
C MET A 83 39.02 23.04 -23.90
N PHE A 84 38.67 21.75 -24.00
CA PHE A 84 38.49 20.84 -22.84
C PHE A 84 37.52 21.38 -21.77
N ASN A 85 36.64 22.30 -22.12
CA ASN A 85 35.57 22.70 -21.20
C ASN A 85 34.38 21.78 -21.40
N ASN A 86 33.98 21.12 -20.32
CA ASN A 86 32.80 20.27 -20.31
C ASN A 86 31.56 21.08 -20.56
N PHE A 87 30.57 20.44 -21.19
CA PHE A 87 29.29 21.11 -21.44
C PHE A 87 28.21 20.06 -21.59
N THR A 88 26.97 20.51 -21.41
CA THR A 88 25.77 19.69 -21.52
C THR A 88 24.80 20.41 -22.43
N VAL A 89 24.09 19.65 -23.26
CA VAL A 89 22.98 20.22 -24.00
C VAL A 89 21.73 19.45 -23.60
N SER A 90 20.62 20.14 -23.51
CA SER A 90 19.37 19.49 -23.18
C SER A 90 18.26 20.12 -24.00
N PHE A 91 17.26 19.30 -24.32
CA PHE A 91 16.10 19.78 -25.06
C PHE A 91 15.03 18.70 -25.00
N TRP A 92 13.78 19.15 -25.06
CA TRP A 92 12.67 18.28 -25.39
C TRP A 92 12.64 18.07 -26.89
N LEU A 93 12.38 16.83 -27.31
CA LEU A 93 12.41 16.41 -28.71
C LEU A 93 11.15 15.62 -29.04
N ARG A 94 10.58 15.87 -30.22
CA ARG A 94 9.46 15.07 -30.71
C ARG A 94 9.68 14.74 -32.17
N VAL A 95 9.89 13.46 -32.46
CA VAL A 95 10.17 12.99 -33.82
C VAL A 95 9.03 12.08 -34.24
N PRO A 96 8.42 12.28 -35.41
CA PRO A 96 7.36 11.38 -35.86
C PRO A 96 7.87 9.96 -36.02
N LYS A 97 6.96 8.99 -35.89
CA LYS A 97 7.31 7.60 -36.15
C LYS A 97 7.58 7.45 -37.63
N VAL A 98 8.77 6.95 -37.97
CA VAL A 98 9.11 6.79 -39.39
C VAL A 98 8.32 5.61 -39.95
N SER A 99 7.61 5.83 -41.04
CA SER A 99 6.89 4.74 -41.70
C SER A 99 7.86 3.67 -42.21
N ALA A 100 7.36 2.44 -42.35
CA ALA A 100 8.16 1.40 -42.97
C ALA A 100 8.64 1.84 -44.35
N SER A 101 7.85 2.70 -45.02
CA SER A 101 8.23 3.18 -46.34
C SER A 101 9.47 4.05 -46.31
N HIS A 102 9.45 5.03 -45.43
CA HIS A 102 10.53 5.98 -45.33
C HIS A 102 11.78 5.36 -44.70
N LEU A 103 11.61 4.35 -43.87
CA LEU A 103 12.77 3.64 -43.32
C LEU A 103 13.60 3.01 -44.43
N GLU A 104 13.05 2.04 -45.13
CA GLU A 104 13.93 1.31 -46.00
C GLU A 104 14.37 2.15 -47.21
N GLN A 105 13.79 3.34 -47.43
CA GLN A 105 14.35 4.22 -48.44
C GLN A 105 15.16 5.39 -47.89
N TYR A 106 15.10 5.68 -46.57
CA TYR A 106 15.92 6.75 -46.00
C TYR A 106 16.72 6.32 -44.78
N ASP A 107 16.75 5.03 -44.46
CA ASP A 107 17.47 4.48 -43.31
C ASP A 107 18.91 4.98 -43.21
N THR A 108 19.58 5.17 -44.36
CA THR A 108 21.00 5.51 -44.42
C THR A 108 21.24 7.01 -44.54
N ASN A 109 20.20 7.82 -44.58
CA ASN A 109 20.35 9.28 -44.71
C ASN A 109 20.47 9.85 -43.29
N GLU A 110 21.68 10.23 -42.89
CA GLU A 110 21.94 10.90 -41.62
C GLU A 110 21.82 12.40 -41.82
N TYR A 111 20.94 13.04 -41.07
CA TYR A 111 20.68 14.46 -41.22
C TYR A 111 20.71 15.13 -39.86
N SER A 112 21.31 16.32 -39.77
CA SER A 112 21.36 16.99 -38.49
C SER A 112 20.08 17.79 -38.27
N ILE A 113 19.77 18.04 -36.99
CA ILE A 113 18.60 18.85 -36.64
C ILE A 113 19.02 20.02 -35.76
N ILE A 114 20.12 19.86 -35.01
CA ILE A 114 20.71 20.92 -34.18
C ILE A 114 22.24 20.81 -34.31
N SER A 115 22.90 21.92 -34.63
CA SER A 115 24.34 21.82 -34.85
C SER A 115 25.05 23.16 -34.67
N SER A 116 26.27 23.08 -34.14
CA SER A 116 27.22 24.18 -34.13
C SER A 116 28.33 23.99 -35.16
N MET A 117 28.19 23.06 -36.08
CA MET A 117 29.20 22.87 -37.12
C MET A 117 28.83 23.72 -38.33
N LYS A 118 29.79 24.49 -38.84
CA LYS A 118 29.60 25.16 -40.12
C LYS A 118 29.31 24.12 -41.20
N LYS A 119 28.33 24.39 -42.05
CA LYS A 119 28.03 23.46 -43.12
C LYS A 119 28.50 24.07 -44.42
N TYR A 120 29.49 23.41 -45.00
CA TYR A 120 29.97 23.70 -46.33
C TYR A 120 29.51 22.61 -47.28
N SER A 121 29.44 22.93 -48.56
CA SER A 121 29.05 21.91 -49.52
C SER A 121 30.02 20.72 -49.59
N LEU A 122 31.28 20.90 -49.18
CA LEU A 122 32.27 19.84 -49.38
C LEU A 122 32.48 18.99 -48.11
N SER A 123 32.14 19.56 -46.95
CA SER A 123 32.60 19.01 -45.69
C SER A 123 31.83 19.70 -44.57
N ILE A 124 32.17 19.35 -43.34
CA ILE A 124 31.38 19.87 -42.22
C ILE A 124 32.26 20.75 -41.34
N GLY A 125 33.27 20.20 -40.73
CA GLY A 125 34.09 21.04 -39.87
C GLY A 125 33.62 20.98 -38.43
N SER A 126 34.32 21.73 -37.59
CA SER A 126 34.38 21.40 -36.16
C SER A 126 33.15 21.88 -35.39
N GLY A 127 32.78 21.12 -34.38
CA GLY A 127 31.66 21.47 -33.53
C GLY A 127 30.98 20.21 -33.01
N TRP A 128 29.69 20.38 -32.67
CA TRP A 128 28.85 19.27 -32.26
C TRP A 128 27.55 19.29 -33.06
N SER A 129 26.88 18.15 -33.10
CA SER A 129 25.61 18.10 -33.80
C SER A 129 24.73 17.01 -33.22
N VAL A 130 23.44 17.30 -33.23
CA VAL A 130 22.41 16.30 -33.02
C VAL A 130 21.87 15.91 -34.40
N SER A 131 21.88 14.62 -34.70
CA SER A 131 21.42 14.17 -36.01
C SER A 131 20.58 12.92 -35.84
N LEU A 132 19.77 12.65 -36.86
CA LEU A 132 18.93 11.47 -36.94
C LEU A 132 19.31 10.65 -38.17
N LYS A 133 19.27 9.33 -38.02
CA LYS A 133 19.57 8.40 -39.13
C LYS A 133 18.63 7.22 -38.93
N GLY A 134 17.52 7.22 -39.67
CA GLY A 134 16.48 6.23 -39.40
C GLY A 134 16.04 6.35 -37.96
N ASN A 135 15.97 5.21 -37.27
CA ASN A 135 15.55 5.18 -35.85
C ASN A 135 16.75 5.28 -34.91
N ASN A 136 17.76 6.06 -35.29
CA ASN A 136 18.94 6.30 -34.48
C ASN A 136 19.04 7.79 -34.21
N LEU A 137 19.36 8.13 -32.97
CA LEU A 137 19.67 9.50 -32.57
C LEU A 137 21.17 9.56 -32.30
N ILE A 138 21.85 10.48 -32.95
CA ILE A 138 23.29 10.48 -32.98
C ILE A 138 23.82 11.79 -32.43
N TRP A 139 24.82 11.70 -31.57
CA TRP A 139 25.52 12.85 -31.05
C TRP A 139 26.95 12.76 -31.53
N THR A 140 27.42 13.81 -32.21
CA THR A 140 28.73 13.85 -32.82
C THR A 140 29.52 15.04 -32.29
N LEU A 141 30.76 14.78 -31.89
CA LEU A 141 31.74 15.82 -31.60
C LEU A 141 32.86 15.70 -32.63
N LYS A 142 33.30 16.84 -33.16
CA LYS A 142 34.35 16.87 -34.18
C LYS A 142 35.31 17.99 -33.87
N ASP A 143 36.59 17.67 -33.72
CA ASP A 143 37.57 18.68 -33.35
C ASP A 143 38.19 19.31 -34.59
N SER A 144 39.01 20.34 -34.38
CA SER A 144 39.56 21.10 -35.51
C SER A 144 40.55 20.29 -36.34
N ALA A 145 41.13 19.23 -35.78
CA ALA A 145 42.02 18.35 -36.52
C ALA A 145 41.27 17.26 -37.29
N GLY A 146 39.96 17.17 -37.13
CA GLY A 146 39.15 16.25 -37.91
C GLY A 146 38.76 14.97 -37.22
N GLU A 147 39.25 14.72 -36.00
CA GLU A 147 38.83 13.56 -35.24
C GLU A 147 37.37 13.71 -34.81
N VAL A 148 36.68 12.57 -34.72
CA VAL A 148 35.26 12.52 -34.42
C VAL A 148 35.02 11.50 -33.33
N ARG A 149 34.04 11.80 -32.46
CA ARG A 149 33.48 10.85 -31.51
C ARG A 149 31.97 10.93 -31.61
N GLN A 150 31.30 9.79 -31.52
CA GLN A 150 29.85 9.73 -31.67
C GLN A 150 29.23 8.78 -30.67
N ILE A 151 28.11 9.21 -30.10
CA ILE A 151 27.15 8.29 -29.51
C ILE A 151 26.09 8.00 -30.56
N THR A 152 25.75 6.74 -30.72
CA THR A 152 24.67 6.33 -31.62
C THR A 152 23.62 5.65 -30.75
N PHE A 153 22.56 6.37 -30.41
CA PHE A 153 21.47 5.78 -29.67
C PHE A 153 20.59 5.00 -30.63
N ARG A 154 20.52 3.69 -30.42
CA ARG A 154 19.71 2.78 -31.24
C ARG A 154 18.38 2.61 -30.53
N ASP A 155 17.33 3.25 -31.04
CA ASP A 155 16.03 3.20 -30.38
C ASP A 155 15.46 1.78 -30.43
N LEU A 156 14.66 1.43 -29.42
CA LEU A 156 14.13 0.08 -29.35
C LEU A 156 13.08 -0.15 -30.45
N SER A 157 12.91 -1.43 -30.80
CA SER A 157 12.08 -1.80 -31.94
C SER A 157 10.58 -1.65 -31.67
N ASP A 158 10.14 -1.72 -30.40
CA ASP A 158 8.73 -1.63 -30.05
C ASP A 158 8.30 -0.16 -30.05
N LYS A 159 7.65 0.29 -31.11
CA LYS A 159 7.47 1.73 -31.25
C LYS A 159 6.40 2.30 -30.33
N PHE A 160 5.53 1.46 -29.77
CA PHE A 160 4.62 1.94 -28.73
C PHE A 160 5.40 2.48 -27.53
N ASN A 161 6.57 1.92 -27.25
CA ASN A 161 7.35 2.31 -26.08
C ASN A 161 8.67 2.98 -26.45
N ALA A 162 8.85 3.37 -27.72
CA ALA A 162 10.13 3.86 -28.19
C ALA A 162 10.24 5.35 -27.95
N TYR A 163 11.47 5.86 -28.04
CA TYR A 163 11.69 7.27 -27.77
C TYR A 163 11.67 8.13 -29.03
N LEU A 164 11.87 7.54 -30.20
CA LEU A 164 11.82 8.31 -31.43
C LEU A 164 10.57 7.91 -32.22
N ALA A 165 9.40 7.99 -31.57
CA ALA A 165 8.16 7.50 -32.16
C ALA A 165 6.99 8.37 -31.72
N ASN A 166 7.15 9.67 -31.87
CA ASN A 166 6.08 10.67 -31.90
C ASN A 166 5.65 11.18 -30.53
N LYS A 167 6.34 10.77 -29.45
CA LYS A 167 6.11 11.36 -28.12
C LYS A 167 7.17 12.39 -27.82
N TRP A 168 6.77 13.43 -27.10
CA TRP A 168 7.75 14.33 -26.48
C TRP A 168 8.62 13.55 -25.50
N VAL A 169 9.94 13.62 -25.67
CA VAL A 169 10.91 13.02 -24.76
C VAL A 169 11.96 14.08 -24.44
N PHE A 170 12.60 13.95 -23.28
CA PHE A 170 13.55 14.96 -22.82
C PHE A 170 14.98 14.42 -22.97
N ILE A 171 15.77 15.07 -23.84
CA ILE A 171 17.13 14.64 -24.15
C ILE A 171 18.10 15.43 -23.31
N THR A 172 19.11 14.74 -22.77
CA THR A 172 20.25 15.43 -22.15
C THR A 172 21.55 14.73 -22.51
N ILE A 173 22.51 15.49 -23.04
CA ILE A 173 23.79 14.95 -23.44
C ILE A 173 24.91 15.69 -22.71
N THR A 174 25.64 14.96 -21.88
CA THR A 174 26.74 15.52 -21.09
C THR A 174 28.06 15.13 -21.73
N ASN A 175 29.04 16.03 -21.66
CA ASN A 175 30.35 15.82 -22.26
C ASN A 175 31.44 16.11 -21.24
N ASP A 176 32.07 15.07 -20.72
CA ASP A 176 33.25 15.20 -19.89
C ASP A 176 34.47 14.96 -20.78
N ARG A 177 35.20 16.02 -21.09
CA ARG A 177 36.34 15.88 -22.00
C ARG A 177 37.41 14.95 -21.45
N LEU A 178 37.40 14.69 -20.14
CA LEU A 178 38.33 13.76 -19.52
C LEU A 178 37.86 12.32 -19.55
N SER A 179 36.61 12.06 -19.93
CA SER A 179 36.15 10.68 -20.01
C SER A 179 35.19 10.46 -21.18
N SER A 180 33.90 10.58 -20.92
CA SER A 180 32.87 10.12 -21.86
C SER A 180 31.85 11.21 -22.15
N ALA A 181 31.14 11.01 -23.25
CA ALA A 181 29.88 11.69 -23.52
C ALA A 181 28.76 10.71 -23.18
N ASN A 182 27.71 11.21 -22.55
CA ASN A 182 26.64 10.34 -22.08
C ASN A 182 25.30 10.92 -22.51
N LEU A 183 24.44 10.05 -23.02
CA LEU A 183 23.13 10.45 -23.51
C LEU A 183 22.09 9.94 -22.54
N TYR A 184 21.21 10.83 -22.10
CA TYR A 184 20.12 10.51 -21.20
C TYR A 184 18.82 10.82 -21.93
N ILE A 185 17.81 9.99 -21.71
CA ILE A 185 16.47 10.30 -22.17
C ILE A 185 15.54 10.18 -20.98
N ASN A 186 14.78 11.24 -20.71
CA ASN A 186 13.89 11.29 -19.56
C ASN A 186 14.65 10.94 -18.27
N GLY A 187 15.89 11.42 -18.17
CA GLY A 187 16.73 11.26 -17.01
C GLY A 187 17.45 9.94 -16.87
N VAL A 188 17.31 9.03 -17.84
CA VAL A 188 17.86 7.68 -17.75
C VAL A 188 19.00 7.56 -18.75
N LEU A 189 20.14 7.01 -18.32
CA LEU A 189 21.29 6.84 -19.21
C LEU A 189 20.95 5.84 -20.32
N MET A 190 21.06 6.29 -21.59
CA MET A 190 20.66 5.48 -22.73
C MET A 190 21.77 5.29 -23.77
N GLY A 191 22.95 5.85 -23.56
CA GLY A 191 24.04 5.66 -24.49
C GLY A 191 25.27 6.40 -24.03
N SER A 192 26.42 5.97 -24.55
CA SER A 192 27.67 6.54 -24.09
C SER A 192 28.78 6.24 -25.09
N ALA A 193 29.78 7.12 -25.12
CA ALA A 193 31.02 6.90 -25.87
C ALA A 193 32.16 7.61 -25.18
N GLU A 194 33.34 6.99 -25.18
CA GLU A 194 34.57 7.65 -24.75
C GLU A 194 34.94 8.77 -25.72
N ILE A 195 35.40 9.89 -25.18
CA ILE A 195 35.76 11.02 -26.03
C ILE A 195 37.16 11.54 -25.67
N THR A 196 37.94 10.71 -24.97
CA THR A 196 39.21 11.17 -24.43
C THR A 196 40.19 11.65 -25.49
N GLY A 197 40.17 11.05 -26.69
CA GLY A 197 41.20 11.40 -27.66
C GLY A 197 41.05 12.77 -28.28
N LEU A 198 39.88 13.39 -28.14
CA LEU A 198 39.55 14.57 -28.91
C LEU A 198 40.40 15.77 -28.52
N GLY A 199 40.74 16.59 -29.51
CA GLY A 199 41.41 17.85 -29.31
C GLY A 199 40.45 19.03 -29.24
N ALA A 200 40.88 20.15 -29.78
CA ALA A 200 40.14 21.40 -29.66
C ALA A 200 38.89 21.39 -30.53
N ILE A 201 37.78 21.87 -29.97
CA ILE A 201 36.54 22.01 -30.72
C ILE A 201 36.31 23.50 -30.96
N ARG A 202 36.49 23.92 -32.22
CA ARG A 202 36.24 25.29 -32.67
C ARG A 202 34.94 25.29 -33.48
N GLU A 203 33.86 25.64 -32.82
CA GLU A 203 32.58 25.61 -33.49
C GLU A 203 32.27 26.95 -34.15
N ASP A 204 31.21 26.95 -34.96
CA ASP A 204 30.71 28.18 -35.52
C ASP A 204 30.16 29.07 -34.40
N ASN A 205 30.02 30.36 -34.69
CA ASN A 205 29.44 31.28 -33.73
C ASN A 205 27.92 31.29 -33.80
N ASN A 206 27.33 30.39 -34.59
CA ASN A 206 25.90 30.21 -34.67
C ASN A 206 25.55 28.77 -34.29
N ILE A 207 24.44 28.62 -33.60
CA ILE A 207 23.80 27.32 -33.43
C ILE A 207 22.57 27.31 -34.33
N THR A 208 22.46 26.27 -35.15
CA THR A 208 21.43 26.22 -36.17
C THR A 208 20.49 25.07 -35.86
N LEU A 209 19.20 25.41 -35.67
CA LEU A 209 18.14 24.43 -35.58
C LEU A 209 17.47 24.36 -36.95
N LYS A 210 17.68 23.27 -37.67
CA LYS A 210 17.12 23.08 -38.99
C LYS A 210 17.48 21.68 -39.49
N LEU A 211 16.57 21.09 -40.24
CA LEU A 211 16.85 19.82 -40.91
C LEU A 211 17.88 20.05 -42.01
N ASP A 212 19.04 19.43 -41.85
CA ASP A 212 20.19 19.68 -42.72
C ASP A 212 20.60 18.36 -43.37
N ARG A 213 20.56 18.35 -44.70
CA ARG A 213 20.89 17.17 -45.51
C ARG A 213 19.84 16.08 -45.40
N CYS A 214 18.59 16.47 -45.15
CA CYS A 214 17.53 15.49 -45.02
C CYS A 214 16.87 15.30 -46.38
N ASN A 215 16.98 14.09 -46.92
CA ASN A 215 16.46 13.75 -48.24
C ASN A 215 14.96 13.54 -48.26
N ASN A 216 14.30 13.37 -47.10
CA ASN A 216 12.86 13.11 -47.06
C ASN A 216 12.15 14.45 -46.95
N ASN A 217 11.45 14.82 -48.04
CA ASN A 217 10.67 16.06 -48.09
C ASN A 217 9.65 16.16 -46.96
N ASN A 218 9.09 15.05 -46.51
CA ASN A 218 8.01 15.10 -45.54
C ASN A 218 8.51 15.08 -44.10
N GLN A 219 9.81 14.99 -43.88
CA GLN A 219 10.33 14.86 -42.53
C GLN A 219 10.14 16.16 -41.76
N TYR A 220 9.81 16.05 -40.48
CA TYR A 220 9.79 17.20 -39.60
C TYR A 220 10.20 16.75 -38.20
N VAL A 221 10.49 17.72 -37.34
CA VAL A 221 10.77 17.47 -35.92
C VAL A 221 10.24 18.67 -35.15
N SER A 222 10.03 18.47 -33.84
CA SER A 222 9.73 19.55 -32.92
C SER A 222 10.73 19.53 -31.78
N ILE A 223 11.04 20.73 -31.28
CA ILE A 223 12.11 20.92 -30.30
C ILE A 223 11.66 21.99 -29.32
N ASP A 224 11.96 21.79 -28.04
CA ASP A 224 11.51 22.74 -27.04
C ASP A 224 12.55 22.85 -25.94
N LYS A 225 12.64 24.06 -25.36
CA LYS A 225 13.48 24.32 -24.19
C LYS A 225 14.96 24.03 -24.45
N PHE A 226 15.42 24.29 -25.68
CA PHE A 226 16.82 24.04 -25.98
C PHE A 226 17.71 24.83 -25.04
N ARG A 227 18.69 24.15 -24.44
CA ARG A 227 19.40 24.70 -23.30
C ARG A 227 20.82 24.16 -23.26
N ILE A 228 21.76 25.01 -22.86
CA ILE A 228 23.18 24.65 -22.83
C ILE A 228 23.76 25.03 -21.48
N PHE A 229 24.51 24.12 -20.87
CA PHE A 229 25.18 24.32 -19.59
C PHE A 229 26.69 24.20 -19.78
N CYS A 230 27.46 25.05 -19.07
CA CYS A 230 28.92 24.98 -19.13
C CYS A 230 29.51 23.97 -18.16
N LYS A 231 28.79 22.90 -17.88
CA LYS A 231 29.22 21.87 -16.97
C LYS A 231 28.75 20.54 -17.54
N ALA A 232 29.49 19.46 -17.25
CA ALA A 232 28.93 18.12 -17.45
C ALA A 232 28.04 17.79 -16.25
N LEU A 233 26.72 17.77 -16.47
CA LEU A 233 25.78 17.51 -15.38
C LEU A 233 25.87 16.05 -14.94
N ASN A 234 25.72 15.81 -13.64
CA ASN A 234 25.71 14.45 -13.11
C ASN A 234 24.28 13.94 -13.04
N PRO A 235 24.08 12.64 -12.77
CA PRO A 235 22.71 12.09 -12.87
C PRO A 235 21.69 12.74 -11.95
N LYS A 236 22.09 13.14 -10.75
CA LYS A 236 21.16 13.82 -9.84
C LYS A 236 20.72 15.16 -10.42
N GLU A 237 21.66 15.92 -11.00
CA GLU A 237 21.29 17.19 -11.60
C GLU A 237 20.38 16.97 -12.80
N ILE A 238 20.68 15.94 -13.60
CA ILE A 238 19.87 15.64 -14.77
C ILE A 238 18.46 15.27 -14.34
N GLU A 239 18.34 14.43 -13.30
CA GLU A 239 17.02 14.03 -12.82
C GLU A 239 16.22 15.23 -12.34
N LYS A 240 16.87 16.13 -11.58
CA LYS A 240 16.19 17.35 -11.16
C LYS A 240 15.80 18.21 -12.35
N LEU A 241 16.68 18.32 -13.35
CA LEU A 241 16.38 19.14 -14.51
C LEU A 241 15.16 18.61 -15.25
N TYR A 242 15.12 17.30 -15.49
CA TYR A 242 14.01 16.68 -16.19
C TYR A 242 12.69 16.91 -15.44
N THR A 243 12.67 16.61 -14.14
CA THR A 243 11.41 16.74 -13.42
C THR A 243 11.02 18.20 -13.20
N SER A 244 11.96 19.14 -13.31
CA SER A 244 11.62 20.55 -13.19
C SER A 244 10.66 21.00 -14.29
N TYR A 245 10.62 20.28 -15.41
CA TYR A 245 9.71 20.58 -16.51
C TYR A 245 8.34 19.94 -16.37
N LEU A 246 8.17 19.02 -15.45
CA LEU A 246 6.91 18.27 -15.38
C LEU A 246 5.98 18.93 -14.37
N SER A 247 4.70 19.05 -14.71
CA SER A 247 3.73 19.61 -13.79
C SER A 247 2.36 19.01 -14.07
N ILE A 248 1.48 19.05 -13.06
CA ILE A 248 0.16 18.45 -13.22
C ILE A 248 -0.87 19.40 -13.80
N THR A 249 -0.52 20.68 -14.00
CA THR A 249 -1.54 21.69 -14.27
C THR A 249 -2.40 21.31 -15.47
N PHE A 250 -1.77 21.01 -16.60
CA PHE A 250 -2.48 20.53 -17.78
C PHE A 250 -2.34 19.03 -17.89
N LEU A 251 -3.47 18.35 -18.13
CA LEU A 251 -3.40 16.94 -18.46
C LEU A 251 -2.83 16.75 -19.88
N ARG A 252 -2.31 15.57 -20.14
CA ARG A 252 -1.54 15.28 -21.35
C ARG A 252 -2.18 14.14 -22.13
N ASP A 253 -2.13 14.24 -23.46
CA ASP A 253 -2.46 13.09 -24.28
C ASP A 253 -1.23 12.19 -24.38
N PHE A 254 -1.42 11.05 -25.06
CA PHE A 254 -0.37 10.04 -25.21
C PHE A 254 0.92 10.60 -25.79
N TRP A 255 0.82 11.64 -26.63
CA TRP A 255 2.02 12.18 -27.27
C TRP A 255 2.74 13.18 -26.39
N GLY A 256 2.16 13.58 -25.26
CA GLY A 256 2.74 14.61 -24.45
C GLY A 256 2.15 15.98 -24.67
N ASN A 257 1.24 16.13 -25.64
CA ASN A 257 0.61 17.43 -25.85
C ASN A 257 -0.54 17.66 -24.87
N PRO A 258 -0.94 18.92 -24.64
CA PRO A 258 -2.04 19.16 -23.71
C PRO A 258 -3.32 18.49 -24.17
N LEU A 259 -4.03 17.91 -23.21
CA LEU A 259 -5.34 17.31 -23.46
C LEU A 259 -6.37 18.39 -23.76
N ARG A 260 -7.31 18.08 -24.66
CA ARG A 260 -8.27 19.08 -25.13
C ARG A 260 -9.69 18.57 -25.08
N TYR A 261 -10.62 19.50 -24.83
CA TYR A 261 -12.03 19.19 -24.93
C TYR A 261 -12.43 19.04 -26.40
N ASP A 262 -13.53 18.32 -26.64
CA ASP A 262 -14.15 18.24 -27.97
C ASP A 262 -13.20 17.63 -28.99
N THR A 263 -12.40 16.68 -28.56
CA THR A 263 -11.37 16.05 -29.37
C THR A 263 -11.46 14.56 -29.17
N GLU A 264 -11.40 13.80 -30.26
CA GLU A 264 -11.58 12.36 -30.16
C GLU A 264 -10.28 11.73 -29.70
N TYR A 265 -10.40 10.83 -28.72
CA TYR A 265 -9.26 10.12 -28.15
C TYR A 265 -9.58 8.64 -28.10
N TYR A 266 -8.67 7.80 -28.59
CA TYR A 266 -8.74 6.38 -28.27
C TYR A 266 -8.18 6.14 -26.88
N LEU A 267 -8.89 5.33 -26.09
CA LEU A 267 -8.49 5.05 -24.71
C LEU A 267 -7.71 3.75 -24.65
N ILE A 268 -6.55 3.80 -24.00
CA ILE A 268 -5.74 2.61 -23.77
C ILE A 268 -5.33 2.55 -22.31
N PRO A 269 -5.51 1.40 -21.65
CA PRO A 269 -5.08 1.30 -20.25
C PRO A 269 -3.56 1.22 -20.16
N VAL A 270 -2.96 2.06 -19.30
CA VAL A 270 -1.51 2.08 -19.16
C VAL A 270 -1.00 0.71 -18.72
N ALA A 271 -1.76 0.02 -17.86
CA ALA A 271 -1.32 -1.26 -17.30
C ALA A 271 -1.43 -2.40 -18.30
N TYR A 272 -2.36 -2.34 -19.23
CA TYR A 272 -2.48 -3.34 -20.29
C TYR A 272 -2.37 -2.64 -21.64
N SER A 273 -1.16 -2.16 -21.96
CA SER A 273 -1.00 -1.29 -23.12
C SER A 273 -1.26 -2.01 -24.44
N SER A 274 -1.27 -3.33 -24.44
CA SER A 274 -1.62 -4.08 -25.65
C SER A 274 -3.13 -4.27 -25.82
N LYS A 275 -3.97 -3.63 -25.02
CA LYS A 275 -5.42 -3.81 -25.13
C LYS A 275 -6.11 -2.55 -25.61
N ASP A 276 -7.25 -2.74 -26.27
CA ASP A 276 -8.18 -1.69 -26.65
C ASP A 276 -9.46 -1.79 -25.83
N VAL A 277 -10.19 -0.69 -25.77
CA VAL A 277 -11.52 -0.69 -25.14
C VAL A 277 -12.56 -1.00 -26.21
N GLN A 278 -13.47 -1.93 -25.91
CA GLN A 278 -14.60 -2.22 -26.79
C GLN A 278 -15.90 -2.00 -26.03
N LEU A 279 -17.00 -1.91 -26.79
CA LEU A 279 -18.34 -1.71 -26.26
C LEU A 279 -19.15 -2.99 -26.46
N LYS A 280 -19.77 -3.50 -25.38
CA LYS A 280 -20.63 -4.67 -25.57
C LYS A 280 -21.84 -4.31 -26.43
N ASN A 281 -22.50 -3.20 -26.10
CA ASN A 281 -23.74 -2.77 -26.75
C ASN A 281 -24.09 -1.41 -26.21
N ILE A 282 -24.83 -0.64 -27.00
CA ILE A 282 -25.38 0.61 -26.48
C ILE A 282 -26.23 0.30 -25.26
N THR A 283 -26.08 1.13 -24.22
CA THR A 283 -26.67 1.08 -22.87
C THR A 283 -25.97 0.06 -22.00
N ASP A 284 -24.97 -0.66 -22.51
CA ASP A 284 -24.30 -1.68 -21.72
C ASP A 284 -22.84 -1.28 -21.43
N TYR A 285 -22.02 -2.26 -21.07
CA TYR A 285 -20.73 -2.03 -20.48
C TYR A 285 -19.61 -2.10 -21.52
N MET A 286 -18.43 -1.63 -21.08
CA MET A 286 -17.22 -1.64 -21.89
C MET A 286 -16.23 -2.65 -21.32
N TYR A 287 -15.36 -3.18 -22.18
CA TYR A 287 -14.39 -4.18 -21.76
C TYR A 287 -13.14 -4.10 -22.62
N LEU A 288 -12.09 -4.80 -22.21
CA LEU A 288 -10.82 -4.78 -22.94
C LEU A 288 -10.71 -5.95 -23.90
N THR A 289 -10.07 -5.71 -25.05
CA THR A 289 -9.69 -6.79 -25.98
C THR A 289 -8.26 -6.55 -26.44
N ASN A 290 -7.66 -7.59 -27.01
CA ASN A 290 -6.31 -7.46 -27.54
C ASN A 290 -6.29 -6.62 -28.81
N ALA A 291 -5.36 -5.67 -28.88
CA ALA A 291 -5.24 -4.86 -30.09
C ALA A 291 -4.44 -5.63 -31.14
N PRO A 292 -4.69 -5.38 -32.42
CA PRO A 292 -3.85 -5.97 -33.46
C PRO A 292 -2.48 -5.30 -33.46
N SER A 293 -1.53 -5.93 -34.15
CA SER A 293 -0.16 -5.43 -34.15
C SER A 293 0.44 -5.47 -35.55
N TYR A 294 1.54 -4.74 -35.71
CA TYR A 294 2.31 -4.75 -36.95
C TYR A 294 3.74 -5.13 -36.60
N THR A 295 4.33 -6.00 -37.41
CA THR A 295 5.70 -6.46 -37.21
C THR A 295 6.44 -6.48 -38.53
N ASN A 296 7.65 -5.89 -38.55
CA ASN A 296 8.51 -5.89 -39.73
C ASN A 296 9.94 -6.15 -39.25
N GLY A 297 10.31 -7.42 -39.16
CA GLY A 297 11.64 -7.77 -38.67
C GLY A 297 12.75 -7.18 -39.51
N LYS A 298 12.59 -7.19 -40.84
CA LYS A 298 13.62 -6.67 -41.72
C LYS A 298 13.96 -5.22 -41.40
N LEU A 299 12.98 -4.42 -40.99
CA LEU A 299 13.20 -3.02 -40.66
C LEU A 299 13.37 -2.76 -39.17
N ASN A 300 13.41 -3.81 -38.35
CA ASN A 300 13.69 -3.67 -36.92
C ASN A 300 12.59 -2.87 -36.20
N ILE A 301 11.32 -3.10 -36.58
CA ILE A 301 10.22 -2.38 -35.93
C ILE A 301 9.03 -3.30 -35.73
N TYR A 302 8.26 -3.02 -34.69
CA TYR A 302 6.96 -3.60 -34.46
C TYR A 302 6.21 -2.69 -33.51
N TYR A 303 4.89 -2.84 -33.47
CA TYR A 303 4.09 -2.05 -32.54
C TYR A 303 2.66 -2.55 -32.57
N ARG A 304 1.98 -2.42 -31.45
CA ARG A 304 0.54 -2.57 -31.49
C ARG A 304 -0.02 -1.40 -32.29
N ARG A 305 -0.98 -1.70 -33.15
CA ARG A 305 -1.55 -0.63 -33.95
C ARG A 305 -2.38 0.29 -33.06
N LEU A 306 -2.37 1.56 -33.41
CA LEU A 306 -3.20 2.56 -32.72
C LEU A 306 -4.50 2.80 -33.51
N TYR A 307 -5.42 3.50 -32.86
CA TYR A 307 -6.67 3.98 -33.44
C TYR A 307 -7.64 2.84 -33.72
N SER A 308 -7.49 1.74 -33.02
CA SER A 308 -8.50 0.68 -32.97
C SER A 308 -9.27 0.83 -31.68
N GLY A 309 -10.45 0.27 -31.62
CA GLY A 309 -11.20 0.37 -30.39
C GLY A 309 -11.99 1.67 -30.30
N LEU A 310 -12.60 1.88 -29.12
CA LEU A 310 -13.56 2.97 -28.96
C LEU A 310 -12.88 4.33 -28.90
N LYS A 311 -13.54 5.32 -29.51
CA LYS A 311 -13.17 6.75 -29.45
C LYS A 311 -14.00 7.44 -28.38
N PHE A 312 -13.36 8.29 -27.60
CA PHE A 312 -14.00 9.03 -26.52
C PHE A 312 -13.86 10.53 -26.77
N ILE A 313 -14.77 11.30 -26.21
CA ILE A 313 -14.73 12.76 -26.31
C ILE A 313 -14.97 13.34 -24.92
N ILE A 314 -14.15 14.31 -24.54
CA ILE A 314 -14.29 14.99 -23.26
C ILE A 314 -15.07 16.28 -23.46
N LYS A 315 -16.13 16.49 -22.68
CA LYS A 315 -16.84 17.75 -22.70
C LYS A 315 -16.79 18.39 -21.33
N ARG A 316 -16.85 19.72 -21.29
CA ARG A 316 -16.95 20.40 -20.01
C ARG A 316 -18.27 20.05 -19.33
N TYR A 317 -18.22 19.80 -18.03
CA TYR A 317 -19.43 19.46 -17.31
C TYR A 317 -20.39 20.64 -17.26
N THR A 318 -19.87 21.83 -16.98
CA THR A 318 -20.60 23.08 -17.14
C THR A 318 -19.96 23.85 -18.27
N PRO A 319 -20.64 24.01 -19.42
CA PRO A 319 -19.96 24.53 -20.63
C PRO A 319 -19.13 25.79 -20.42
N ASN A 320 -19.58 26.74 -19.59
CA ASN A 320 -18.72 27.80 -19.04
C ASN A 320 -18.14 28.71 -20.12
N ASN A 321 -18.85 28.87 -21.24
CA ASN A 321 -18.33 29.43 -22.50
C ASN A 321 -17.55 28.31 -23.19
N ILE A 323 -13.02 30.89 -21.63
CA ILE A 323 -12.18 29.73 -21.39
C ILE A 323 -11.65 29.19 -22.72
N ASP A 324 -10.56 28.43 -22.64
CA ASP A 324 -9.97 27.77 -23.80
C ASP A 324 -10.43 26.32 -23.87
N SER A 325 -9.79 25.53 -24.72
CA SER A 325 -10.15 24.13 -24.90
C SER A 325 -9.21 23.17 -24.17
N PHE A 326 -8.37 23.67 -23.26
CA PHE A 326 -7.43 22.81 -22.55
C PHE A 326 -8.11 22.17 -21.35
N VAL A 327 -7.89 20.87 -21.17
CA VAL A 327 -8.34 20.17 -19.96
C VAL A 327 -7.28 20.31 -18.87
N ARG A 328 -7.65 20.98 -17.79
CA ARG A 328 -6.77 21.19 -16.64
C ARG A 328 -7.08 20.17 -15.57
N SER A 329 -6.04 19.76 -14.83
CA SER A 329 -6.27 18.79 -13.78
C SER A 329 -7.24 19.38 -12.76
N GLY A 330 -8.25 18.61 -12.38
CA GLY A 330 -9.30 19.09 -11.50
C GLY A 330 -10.57 19.55 -12.21
N ASP A 331 -10.56 19.60 -13.55
CA ASP A 331 -11.76 20.00 -14.27
C ASP A 331 -12.89 18.98 -14.10
N PHE A 332 -14.12 19.46 -14.00
CA PHE A 332 -15.30 18.59 -14.03
C PHE A 332 -15.70 18.38 -15.48
N ILE A 333 -15.83 17.11 -15.89
CA ILE A 333 -16.05 16.79 -17.29
C ILE A 333 -17.20 15.81 -17.42
N LYS A 334 -17.69 15.68 -18.65
CA LYS A 334 -18.53 14.57 -19.05
C LYS A 334 -17.78 13.77 -20.10
N LEU A 335 -17.81 12.45 -19.98
CA LEU A 335 -17.13 11.56 -20.91
C LEU A 335 -18.15 10.91 -21.85
N TYR A 336 -17.92 11.03 -23.16
CA TYR A 336 -18.78 10.44 -24.17
C TYR A 336 -18.02 9.40 -24.98
N VAL A 337 -18.75 8.39 -25.47
CA VAL A 337 -18.24 7.45 -26.45
C VAL A 337 -18.79 7.86 -27.80
N SER A 338 -17.94 7.85 -28.83
CA SER A 338 -18.38 8.09 -30.20
C SER A 338 -18.66 6.73 -30.84
N TYR A 339 -19.92 6.49 -31.20
CA TYR A 339 -20.31 5.19 -31.72
C TYR A 339 -21.42 5.37 -32.74
N ASN A 340 -21.19 4.88 -33.96
CA ASN A 340 -22.17 4.96 -35.04
C ASN A 340 -22.54 6.42 -35.34
N ASN A 341 -21.51 7.29 -35.41
CA ASN A 341 -21.65 8.71 -35.70
C ASN A 341 -22.39 9.49 -34.61
N ASN A 342 -22.56 8.92 -33.42
CA ASN A 342 -23.23 9.61 -32.33
C ASN A 342 -22.37 9.56 -31.08
N GLU A 343 -22.62 10.50 -30.17
CA GLU A 343 -21.93 10.57 -28.89
C GLU A 343 -22.86 10.07 -27.80
N HIS A 344 -22.35 9.16 -26.97
CA HIS A 344 -23.15 8.51 -25.93
C HIS A 344 -22.48 8.71 -24.59
N ILE A 345 -23.24 9.24 -23.62
CA ILE A 345 -22.70 9.57 -22.30
C ILE A 345 -22.21 8.32 -21.60
N VAL A 346 -21.09 8.44 -20.89
CA VAL A 346 -20.59 7.38 -20.02
C VAL A 346 -20.97 7.70 -18.58
N GLY A 347 -21.49 6.72 -17.86
CA GLY A 347 -21.79 6.94 -16.46
C GLY A 347 -22.28 5.67 -15.78
N TYR A 348 -22.73 5.83 -14.53
CA TYR A 348 -23.21 4.71 -13.74
C TYR A 348 -24.64 4.99 -13.31
N PRO A 349 -25.59 4.11 -13.65
CA PRO A 349 -26.97 4.32 -13.19
C PRO A 349 -27.09 4.07 -11.70
N LYS A 350 -27.96 4.83 -11.04
CA LYS A 350 -28.22 4.61 -9.63
C LYS A 350 -28.68 3.17 -9.40
N ASP A 351 -28.05 2.49 -8.44
CA ASP A 351 -28.32 1.08 -8.17
C ASP A 351 -28.04 0.17 -9.37
N GLY A 352 -27.24 0.63 -10.34
CA GLY A 352 -26.92 -0.21 -11.48
C GLY A 352 -26.07 -1.40 -11.08
N ASN A 353 -25.95 -2.33 -12.02
CA ASN A 353 -25.15 -3.53 -11.80
C ASN A 353 -23.74 -3.16 -11.33
N ALA A 354 -23.25 -3.92 -10.35
CA ALA A 354 -21.96 -3.68 -9.71
C ALA A 354 -21.43 -5.02 -9.20
N PHE A 355 -20.12 -5.10 -9.06
CA PHE A 355 -19.53 -6.29 -8.47
C PHE A 355 -19.70 -6.28 -6.95
N ASN A 356 -19.51 -7.46 -6.33
CA ASN A 356 -19.74 -7.59 -4.89
C ASN A 356 -18.83 -6.66 -4.09
N ASN A 357 -17.66 -6.32 -4.62
CA ASN A 357 -16.79 -5.39 -3.90
C ASN A 357 -17.21 -3.92 -4.07
N LEU A 358 -18.38 -3.65 -4.67
CA LEU A 358 -18.92 -2.31 -4.99
C LEU A 358 -18.28 -1.62 -6.19
N ASP A 359 -17.38 -2.28 -6.95
CA ASP A 359 -16.91 -1.69 -8.20
C ASP A 359 -18.10 -1.47 -9.12
N ARG A 360 -18.32 -0.22 -9.54
CA ARG A 360 -19.50 0.13 -10.31
C ARG A 360 -19.26 -0.04 -11.82
N ILE A 361 -20.13 -0.79 -12.47
CA ILE A 361 -19.94 -1.11 -13.89
C ILE A 361 -20.44 0.06 -14.73
N LEU A 362 -19.54 0.68 -15.49
CA LEU A 362 -19.88 1.81 -16.34
C LEU A 362 -20.76 1.38 -17.50
N ARG A 363 -21.63 2.30 -17.93
CA ARG A 363 -22.56 2.06 -19.01
C ARG A 363 -22.49 3.23 -19.99
N VAL A 364 -22.76 2.93 -21.25
CA VAL A 364 -22.60 3.87 -22.37
C VAL A 364 -23.97 4.16 -22.95
N GLY A 365 -24.36 5.43 -22.96
CA GLY A 365 -25.68 5.79 -23.50
C GLY A 365 -26.86 5.22 -22.73
N TYR A 366 -26.70 4.91 -21.44
CA TYR A 366 -27.79 4.38 -20.64
C TYR A 366 -28.95 5.37 -20.60
N ASN A 367 -30.18 4.87 -20.76
CA ASN A 367 -31.30 5.77 -21.06
C ASN A 367 -32.59 5.44 -20.30
N ALA A 368 -32.52 4.79 -19.15
CA ALA A 368 -33.75 4.43 -18.44
C ALA A 368 -34.41 5.68 -17.85
N PRO A 369 -35.65 5.99 -18.22
CA PRO A 369 -36.26 7.23 -17.72
C PRO A 369 -36.65 7.07 -16.26
N GLY A 370 -36.31 8.08 -15.46
CA GLY A 370 -36.57 8.01 -14.04
C GLY A 370 -35.48 7.36 -13.22
N ILE A 371 -34.43 6.82 -13.84
CA ILE A 371 -33.28 6.30 -13.13
C ILE A 371 -32.16 7.33 -13.23
N PRO A 372 -31.69 7.89 -12.12
CA PRO A 372 -30.55 8.82 -12.20
C PRO A 372 -29.33 8.14 -12.79
N LEU A 373 -28.65 8.84 -13.68
CA LEU A 373 -27.39 8.41 -14.27
C LEU A 373 -26.30 9.33 -13.74
N TYR A 374 -25.35 8.77 -13.00
CA TYR A 374 -24.24 9.55 -12.48
C TYR A 374 -23.17 9.65 -13.55
N LYS A 375 -22.94 10.87 -14.05
CA LYS A 375 -22.00 11.11 -15.14
C LYS A 375 -20.95 12.18 -14.83
N LYS A 376 -20.97 12.80 -13.65
CA LYS A 376 -20.01 13.87 -13.36
C LYS A 376 -18.64 13.27 -13.06
N MET A 377 -17.65 13.62 -13.87
CA MET A 377 -16.31 13.11 -13.67
C MET A 377 -15.34 14.26 -13.43
N GLU A 378 -14.27 13.94 -12.73
CA GLU A 378 -13.14 14.85 -12.53
C GLU A 378 -11.93 14.24 -13.20
N ALA A 379 -11.39 14.96 -14.19
CA ALA A 379 -10.15 14.57 -14.84
C ALA A 379 -8.97 15.08 -14.01
N VAL A 380 -8.11 14.16 -13.55
CA VAL A 380 -7.09 14.51 -12.57
C VAL A 380 -5.80 13.77 -12.88
N LYS A 381 -4.71 14.30 -12.36
CA LYS A 381 -3.40 13.65 -12.45
C LYS A 381 -2.99 13.36 -11.02
N LEU A 382 -3.14 12.11 -10.59
CA LEU A 382 -2.91 11.76 -9.20
C LEU A 382 -1.62 11.00 -9.00
N ARG A 383 -0.96 10.55 -10.06
CA ARG A 383 0.17 9.66 -9.90
C ARG A 383 0.95 9.63 -11.21
N ASP A 384 2.23 9.26 -11.12
CA ASP A 384 3.07 8.96 -12.27
C ASP A 384 3.24 10.18 -13.18
N LEU A 385 3.93 11.18 -12.62
CA LEU A 385 4.14 12.44 -13.32
C LEU A 385 4.95 12.27 -14.61
N LYS A 386 5.83 11.28 -14.68
CA LYS A 386 6.65 11.13 -15.89
C LYS A 386 5.88 10.48 -17.03
N THR A 387 4.70 9.94 -16.78
CA THR A 387 3.89 9.24 -17.77
C THR A 387 2.75 10.15 -18.24
N TYR A 388 2.45 10.12 -19.54
CA TYR A 388 1.37 10.93 -20.13
C TYR A 388 0.03 10.22 -19.98
N SER A 389 -0.34 9.99 -18.74
CA SER A 389 -1.54 9.26 -18.41
C SER A 389 -2.44 10.15 -17.57
N VAL A 390 -3.74 9.82 -17.53
CA VAL A 390 -4.68 10.59 -16.75
C VAL A 390 -5.56 9.63 -15.95
N GLN A 391 -6.10 10.12 -14.83
CA GLN A 391 -7.10 9.40 -14.05
C GLN A 391 -8.42 10.14 -14.15
N LEU A 392 -9.52 9.39 -14.01
CA LEU A 392 -10.86 9.95 -14.07
C LEU A 392 -11.62 9.54 -12.84
N LYS A 393 -12.16 10.51 -12.09
CA LYS A 393 -12.88 10.24 -10.84
C LYS A 393 -14.37 10.48 -11.07
N LEU A 394 -15.18 9.47 -10.77
CA LEU A 394 -16.62 9.57 -10.96
C LEU A 394 -17.31 9.95 -9.65
N TYR A 395 -18.28 10.86 -9.72
CA TYR A 395 -19.04 11.32 -8.56
C TYR A 395 -20.52 11.00 -8.71
N ASP A 396 -21.20 10.80 -7.59
CA ASP A 396 -22.64 10.67 -7.61
C ASP A 396 -23.26 12.07 -7.53
N ASP A 397 -24.56 12.15 -7.21
CA ASP A 397 -25.29 13.41 -7.18
C ASP A 397 -25.06 14.22 -5.89
N LYS A 398 -24.39 13.64 -4.89
CA LYS A 398 -24.13 14.30 -3.62
C LYS A 398 -22.65 14.57 -3.39
N ASP A 399 -21.85 14.64 -4.47
CA ASP A 399 -20.41 14.90 -4.41
C ASP A 399 -19.66 13.81 -3.64
N ALA A 400 -20.21 12.61 -3.59
CA ALA A 400 -19.51 11.46 -3.06
C ALA A 400 -18.79 10.73 -4.18
N SER A 401 -17.58 10.26 -3.89
CA SER A 401 -16.76 9.54 -4.86
C SER A 401 -17.32 8.15 -5.13
N LEU A 402 -17.61 7.86 -6.39
CA LEU A 402 -17.86 6.49 -6.81
C LEU A 402 -16.59 5.76 -7.24
N GLY A 403 -15.47 6.48 -7.33
CA GLY A 403 -14.17 5.87 -7.56
C GLY A 403 -13.48 6.42 -8.79
N LEU A 404 -12.26 5.92 -9.01
CA LEU A 404 -11.56 6.14 -10.27
C LEU A 404 -12.01 5.13 -11.30
N VAL A 405 -12.06 5.58 -12.55
CA VAL A 405 -12.35 4.69 -13.67
C VAL A 405 -11.19 3.70 -13.81
N GLY A 406 -11.51 2.40 -13.84
CA GLY A 406 -10.51 1.35 -13.92
C GLY A 406 -11.12 0.12 -14.54
N THR A 407 -10.56 -1.05 -14.23
CA THR A 407 -11.12 -2.28 -14.77
C THR A 407 -11.20 -3.31 -13.68
N HIS A 408 -12.12 -4.25 -13.86
CA HIS A 408 -12.36 -5.34 -12.93
C HIS A 408 -12.48 -6.60 -13.77
N ASN A 409 -11.68 -7.61 -13.46
CA ASN A 409 -11.76 -8.83 -14.23
C ASN A 409 -12.91 -9.67 -13.69
N GLY A 410 -13.93 -9.90 -14.52
CA GLY A 410 -15.08 -10.61 -14.01
C GLY A 410 -15.92 -11.13 -15.14
N GLN A 411 -17.14 -11.52 -14.81
CA GLN A 411 -18.01 -12.08 -15.82
C GLN A 411 -19.43 -11.63 -15.56
N ILE A 412 -20.08 -11.12 -16.60
CA ILE A 412 -21.44 -10.61 -16.50
C ILE A 412 -22.33 -11.53 -17.32
N GLY A 413 -23.27 -12.21 -16.65
CA GLY A 413 -24.17 -13.12 -17.37
C GLY A 413 -23.42 -14.34 -17.87
N ASN A 414 -23.64 -14.68 -19.14
CA ASN A 414 -22.93 -15.77 -19.79
C ASN A 414 -21.89 -15.26 -20.79
N ASP A 415 -21.56 -13.97 -20.74
CA ASP A 415 -20.50 -13.42 -21.57
C ASP A 415 -19.16 -14.06 -21.19
N PRO A 416 -18.15 -13.97 -22.05
CA PRO A 416 -16.82 -14.43 -21.65
C PRO A 416 -16.29 -13.63 -20.45
N ASN A 417 -15.33 -14.23 -19.75
CA ASN A 417 -14.62 -13.50 -18.70
C ASN A 417 -13.89 -12.32 -19.33
N ARG A 418 -14.02 -11.14 -18.72
CA ARG A 418 -13.52 -9.92 -19.36
C ARG A 418 -12.97 -8.96 -18.32
N ASP A 419 -12.05 -8.09 -18.77
CA ASP A 419 -11.68 -6.91 -17.99
C ASP A 419 -12.70 -5.83 -18.32
N ILE A 420 -13.56 -5.52 -17.35
CA ILE A 420 -14.74 -4.69 -17.54
C ILE A 420 -14.47 -3.33 -16.93
N LEU A 421 -14.88 -2.26 -17.60
CA LEU A 421 -14.61 -0.92 -17.10
C LEU A 421 -15.54 -0.59 -15.95
N ILE A 422 -14.96 -0.07 -14.87
CA ILE A 422 -15.67 0.14 -13.62
C ILE A 422 -15.21 1.48 -13.04
N ALA A 423 -15.91 1.93 -12.00
CA ALA A 423 -15.39 2.97 -11.11
C ALA A 423 -15.20 2.34 -9.74
N SER A 424 -14.04 2.55 -9.12
CA SER A 424 -13.72 1.90 -7.85
C SER A 424 -12.97 2.84 -6.95
N ASN A 425 -13.33 2.82 -5.66
CA ASN A 425 -12.59 3.57 -4.64
C ASN A 425 -11.38 2.81 -4.12
N TRP A 426 -11.22 1.55 -4.46
CA TRP A 426 -10.05 0.80 -4.01
C TRP A 426 -8.74 1.55 -4.31
N TYR A 427 -8.66 2.19 -5.48
CA TYR A 427 -7.41 2.77 -5.93
C TYR A 427 -6.83 3.81 -4.96
N PHE A 428 -7.68 4.43 -4.15
CA PHE A 428 -7.23 5.53 -3.32
C PHE A 428 -6.30 5.08 -2.19
N ASN A 429 -6.39 3.84 -1.73
CA ASN A 429 -5.41 3.33 -0.79
C ASN A 429 -4.13 2.86 -1.47
N HIS A 430 -4.04 2.98 -2.80
CA HIS A 430 -2.96 2.34 -3.56
C HIS A 430 -2.24 3.29 -4.51
N LEU A 431 -2.36 4.60 -4.30
CA LEU A 431 -1.95 5.54 -5.33
C LEU A 431 -0.44 5.62 -5.51
N LYS A 432 0.36 5.06 -4.60
CA LYS A 432 1.82 5.03 -4.78
C LYS A 432 2.30 3.72 -5.37
N ASP A 433 1.40 2.78 -5.67
CA ASP A 433 1.80 1.52 -6.25
C ASP A 433 2.40 1.73 -7.64
N LYS A 434 3.22 0.77 -8.06
CA LYS A 434 3.96 0.91 -9.32
C LYS A 434 3.01 0.96 -10.52
N THR A 435 2.08 0.00 -10.60
CA THR A 435 1.17 -0.14 -11.73
C THR A 435 -0.27 -0.27 -11.22
N LEU A 436 -1.20 0.49 -11.80
CA LEU A 436 -2.61 0.39 -11.44
C LEU A 436 -3.47 0.48 -12.69
N THR A 437 -4.61 -0.19 -12.65
CA THR A 437 -5.55 -0.18 -13.77
C THR A 437 -6.42 1.07 -13.81
N CYS A 438 -6.16 2.08 -12.98
CA CYS A 438 -6.86 3.36 -13.10
C CYS A 438 -6.13 4.37 -13.97
N ASP A 439 -5.00 4.00 -14.58
CA ASP A 439 -4.21 4.90 -15.44
C ASP A 439 -4.57 4.70 -16.91
N TRP A 440 -4.93 5.78 -17.61
CA TRP A 440 -5.36 5.72 -19.01
C TRP A 440 -4.52 6.62 -19.90
N TYR A 441 -4.21 6.14 -21.11
CA TYR A 441 -3.71 6.98 -22.18
C TYR A 441 -4.87 7.48 -23.03
N PHE A 442 -4.81 8.75 -23.42
CA PHE A 442 -5.77 9.33 -24.37
C PHE A 442 -5.01 9.58 -25.67
N VAL A 443 -5.31 8.79 -26.71
CA VAL A 443 -4.53 8.78 -27.96
C VAL A 443 -5.34 9.47 -29.06
N PRO A 444 -4.98 10.67 -29.49
CA PRO A 444 -5.60 11.25 -30.68
C PRO A 444 -4.89 10.83 -31.95
N THR A 445 -5.64 10.76 -33.04
CA THR A 445 -5.00 10.52 -34.33
C THR A 445 -4.00 11.64 -34.59
N ASP A 446 -2.88 11.29 -35.21
CA ASP A 446 -1.79 12.25 -35.37
C ASP A 446 -1.02 11.95 -36.65
N GLU A 447 -0.64 13.01 -37.36
CA GLU A 447 0.11 12.82 -38.60
C GLU A 447 1.47 12.15 -38.36
N GLY A 448 2.01 12.24 -37.14
CA GLY A 448 3.27 11.59 -36.82
C GLY A 448 3.18 10.12 -36.48
N TRP A 449 1.99 9.54 -36.56
CA TRP A 449 1.84 8.09 -36.38
C TRP A 449 0.75 7.62 -37.32
N THR A 450 1.13 6.91 -38.37
CA THR A 450 0.20 6.16 -39.18
C THR A 450 0.60 4.70 -39.12
N ASN A 451 -0.38 3.80 -38.97
CA ASN A 451 -0.06 2.39 -38.97
C ASN A 451 0.40 1.95 -40.37
N ASP A 452 1.41 1.10 -40.43
CA ASP A 452 1.87 0.54 -41.69
C ASP A 452 1.00 -0.61 -42.15
N GLN B 1 -7.25 -24.25 -2.22
CA GLN B 1 -6.62 -24.83 -1.04
C GLN B 1 -5.29 -24.13 -0.73
N VAL B 2 -5.26 -22.81 -0.91
CA VAL B 2 -4.09 -22.01 -0.58
C VAL B 2 -3.93 -21.94 0.93
N GLN B 3 -2.71 -22.16 1.42
CA GLN B 3 -2.40 -22.18 2.84
C GLN B 3 -1.22 -21.26 3.10
N LEU B 4 -1.31 -20.47 4.17
CA LEU B 4 -0.22 -19.59 4.58
C LEU B 4 0.32 -20.07 5.92
N GLN B 5 1.64 -20.05 6.05
CA GLN B 5 2.30 -20.49 7.27
C GLN B 5 3.35 -19.45 7.65
N GLU B 6 3.13 -18.79 8.78
CA GLU B 6 4.12 -17.88 9.33
C GLU B 6 5.27 -18.66 9.95
N SER B 7 6.42 -18.01 10.03
CA SER B 7 7.55 -18.56 10.77
C SER B 7 8.40 -17.40 11.23
N GLY B 8 8.95 -17.53 12.43
CA GLY B 8 9.80 -16.51 12.96
C GLY B 8 10.51 -17.01 14.19
N PRO B 9 11.25 -16.13 14.85
CA PRO B 9 11.79 -16.48 16.16
C PRO B 9 10.69 -16.31 17.18
N GLY B 10 10.58 -17.26 18.10
CA GLY B 10 9.62 -17.10 19.16
C GLY B 10 9.95 -15.91 20.05
N LEU B 11 11.23 -15.79 20.39
CA LEU B 11 11.71 -14.81 21.35
C LEU B 11 12.75 -13.91 20.69
N VAL B 12 12.70 -12.62 21.03
CA VAL B 12 13.63 -11.62 20.53
C VAL B 12 13.98 -10.69 21.68
N LYS B 13 15.26 -10.33 21.78
CA LYS B 13 15.62 -9.40 22.83
C LYS B 13 15.30 -7.96 22.39
N PRO B 14 15.02 -7.07 23.34
CA PRO B 14 14.73 -5.67 23.00
C PRO B 14 15.87 -5.02 22.21
N SER B 15 15.50 -4.15 21.28
CA SER B 15 16.32 -3.36 20.37
C SER B 15 16.87 -4.19 19.20
N GLU B 16 16.70 -5.51 19.20
CA GLU B 16 17.05 -6.28 18.01
C GLU B 16 16.04 -6.03 16.89
N THR B 17 16.26 -6.67 15.76
CA THR B 17 15.33 -6.60 14.63
C THR B 17 14.60 -7.93 14.50
N LEU B 18 13.28 -7.85 14.42
CA LEU B 18 12.44 -9.02 14.24
C LEU B 18 12.27 -9.30 12.75
N SER B 19 12.43 -10.56 12.37
CA SER B 19 12.22 -11.01 11.00
C SER B 19 11.22 -12.15 11.00
N LEU B 20 10.17 -12.01 10.20
CA LEU B 20 9.16 -13.04 10.04
C LEU B 20 8.99 -13.36 8.58
N ARG B 21 8.59 -14.60 8.31
CA ARG B 21 8.30 -15.04 6.95
C ARG B 21 6.94 -15.69 6.90
N CYS B 22 6.27 -15.53 5.76
CA CYS B 22 5.06 -16.24 5.43
C CYS B 22 5.32 -17.06 4.17
N THR B 23 5.02 -18.35 4.22
CA THR B 23 5.19 -19.24 3.08
C THR B 23 3.84 -19.62 2.52
N VAL B 24 3.63 -19.38 1.23
CA VAL B 24 2.36 -19.71 0.57
C VAL B 24 2.46 -21.10 -0.05
N SER B 25 1.50 -21.97 0.29
CA SER B 25 1.41 -23.32 -0.26
C SER B 25 0.08 -23.53 -0.97
N GLY B 26 0.07 -24.45 -1.93
CA GLY B 26 -1.13 -24.64 -2.74
C GLY B 26 -1.48 -23.43 -3.58
N GLY B 27 -0.49 -22.60 -3.86
CA GLY B 27 -0.68 -21.38 -4.61
C GLY B 27 0.61 -20.59 -4.59
N SER B 28 0.56 -19.41 -5.19
CA SER B 28 1.76 -18.61 -5.33
C SER B 28 1.44 -17.15 -4.99
N ILE B 29 2.51 -16.37 -4.88
CA ILE B 29 2.39 -14.93 -4.66
C ILE B 29 1.54 -14.31 -5.75
N SER B 30 1.81 -14.65 -7.01
CA SER B 30 1.02 -14.22 -8.15
C SER B 30 0.88 -12.70 -8.14
N SER B 31 -0.30 -12.18 -8.48
CA SER B 31 -0.52 -10.73 -8.47
C SER B 31 -1.38 -10.27 -7.28
N TYR B 32 -1.50 -11.08 -6.23
CA TYR B 32 -2.26 -10.69 -5.05
C TYR B 32 -1.50 -9.67 -4.21
N TYR B 33 -2.25 -8.85 -3.47
CA TYR B 33 -1.66 -8.08 -2.38
C TYR B 33 -1.65 -8.92 -1.10
N TRP B 34 -0.54 -8.84 -0.36
CA TRP B 34 -0.30 -9.70 0.79
C TRP B 34 -0.06 -8.82 2.00
N SER B 35 -0.70 -9.13 3.13
CA SER B 35 -0.69 -8.23 4.29
C SER B 35 -0.16 -8.92 5.54
N TRP B 36 0.36 -8.11 6.46
CA TRP B 36 0.69 -8.54 7.82
C TRP B 36 -0.19 -7.80 8.82
N PHE B 37 -0.57 -8.50 9.89
CA PHE B 37 -1.32 -7.92 11.00
C PHE B 37 -0.65 -8.36 12.30
N ARG B 38 -0.98 -7.67 13.40
CA ARG B 38 -0.58 -8.19 14.69
C ARG B 38 -1.69 -7.97 15.70
N GLN B 39 -1.62 -8.75 16.78
CA GLN B 39 -2.60 -8.72 17.86
C GLN B 39 -1.85 -8.93 19.17
N PRO B 40 -1.61 -7.88 19.94
CA PRO B 40 -0.99 -8.06 21.25
C PRO B 40 -1.92 -8.84 22.18
N PRO B 41 -1.34 -9.59 23.15
CA PRO B 41 -2.17 -10.42 24.04
C PRO B 41 -3.33 -9.67 24.66
N GLY B 42 -4.55 -10.14 24.42
CA GLY B 42 -5.76 -9.51 24.93
C GLY B 42 -6.17 -8.19 24.29
N LYS B 43 -5.61 -7.79 23.14
CA LYS B 43 -5.77 -6.40 22.71
C LYS B 43 -6.34 -6.13 21.31
N GLY B 44 -6.73 -7.13 20.55
CA GLY B 44 -7.35 -6.85 19.25
C GLY B 44 -6.38 -6.51 18.12
N LEU B 45 -6.96 -6.34 16.92
CA LEU B 45 -6.23 -6.45 15.67
C LEU B 45 -5.69 -5.10 15.17
N GLU B 46 -4.55 -5.17 14.50
CA GLU B 46 -3.91 -4.00 13.91
C GLU B 46 -3.28 -4.39 12.58
N TRP B 47 -3.61 -3.64 11.54
CA TRP B 47 -3.00 -3.86 10.24
C TRP B 47 -1.64 -3.19 10.20
N ILE B 48 -0.65 -3.90 9.66
CA ILE B 48 0.71 -3.38 9.57
C ILE B 48 0.99 -2.79 8.19
N GLY B 49 0.73 -3.55 7.13
CA GLY B 49 1.04 -3.09 5.79
C GLY B 49 0.80 -4.18 4.80
N TYR B 50 0.95 -3.83 3.51
CA TYR B 50 0.87 -4.78 2.41
C TYR B 50 2.13 -4.74 1.54
N VAL B 51 2.31 -5.81 0.77
CA VAL B 51 3.39 -5.93 -0.20
C VAL B 51 2.81 -6.61 -1.43
N HIS B 52 3.46 -6.37 -2.58
CA HIS B 52 2.98 -6.83 -3.87
C HIS B 52 4.17 -7.25 -4.72
N TYR B 53 3.95 -8.19 -5.64
CA TYR B 53 5.10 -8.74 -6.39
C TYR B 53 5.87 -7.65 -7.15
N SER B 54 5.18 -6.59 -7.57
CA SER B 54 5.87 -5.46 -8.17
C SER B 54 6.84 -4.77 -7.23
N GLY B 55 6.86 -5.11 -5.94
CA GLY B 55 7.62 -4.36 -4.96
C GLY B 55 6.86 -3.26 -4.25
N SER B 56 5.67 -2.89 -4.73
CA SER B 56 4.88 -1.86 -4.08
C SER B 56 4.54 -2.28 -2.64
N THR B 57 4.65 -1.33 -1.71
CA THR B 57 4.28 -1.51 -0.31
C THR B 57 3.47 -0.30 0.16
N ASN B 58 2.77 -0.50 1.26
CA ASN B 58 2.12 0.58 1.99
C ASN B 58 1.94 0.11 3.43
N TYR B 59 1.85 1.07 4.35
CA TYR B 59 1.93 0.79 5.78
C TYR B 59 0.84 1.53 6.53
N ASN B 60 0.49 0.99 7.70
CA ASN B 60 -0.31 1.71 8.65
C ASN B 60 0.47 2.96 9.05
N PRO B 61 -0.05 4.16 8.79
CA PRO B 61 0.74 5.38 9.06
C PRO B 61 1.13 5.53 10.52
N SER B 62 0.33 5.03 11.45
CA SER B 62 0.62 5.24 12.86
C SER B 62 1.73 4.34 13.38
N LEU B 63 2.28 3.45 12.55
CA LEU B 63 3.39 2.62 12.98
C LEU B 63 4.75 3.25 12.68
N LYS B 64 4.77 4.46 12.11
CA LYS B 64 5.94 5.33 12.08
C LYS B 64 7.13 4.71 11.35
N SER B 65 6.85 3.98 10.27
CA SER B 65 7.88 3.46 9.37
C SER B 65 8.90 2.58 10.10
N ARG B 66 8.48 1.88 11.16
CA ARG B 66 9.35 0.92 11.82
C ARG B 66 9.36 -0.43 11.12
N PHE B 67 8.34 -0.73 10.31
CA PHE B 67 8.22 -2.01 9.64
C PHE B 67 8.70 -1.87 8.20
N THR B 68 9.25 -2.97 7.67
CA THR B 68 9.51 -3.12 6.25
C THR B 68 8.99 -4.48 5.81
N LEU B 69 8.12 -4.47 4.80
CA LEU B 69 7.65 -5.68 4.17
C LEU B 69 8.40 -5.90 2.86
N SER B 70 8.54 -7.17 2.47
CA SER B 70 9.23 -7.52 1.23
C SER B 70 8.65 -8.85 0.77
N VAL B 71 8.98 -9.23 -0.47
CA VAL B 71 8.43 -10.44 -1.06
C VAL B 71 9.49 -11.10 -1.94
N ASP B 72 9.40 -12.44 -2.06
CA ASP B 72 10.26 -13.23 -2.93
C ASP B 72 9.38 -14.25 -3.63
N THR B 73 9.00 -13.95 -4.88
CA THR B 73 8.12 -14.81 -5.64
C THR B 73 8.74 -16.18 -5.92
N SER B 74 10.07 -16.26 -6.00
CA SER B 74 10.69 -17.53 -6.36
C SER B 74 10.52 -18.58 -5.27
N LYS B 75 10.48 -18.14 -4.00
CA LYS B 75 10.23 -19.03 -2.88
C LYS B 75 8.77 -19.02 -2.43
N SER B 76 7.90 -18.33 -3.15
CA SER B 76 6.51 -18.09 -2.75
C SER B 76 6.44 -17.70 -1.26
N GLN B 77 7.19 -16.66 -0.95
CA GLN B 77 7.27 -16.14 0.41
C GLN B 77 7.13 -14.63 0.37
N PHE B 78 6.64 -14.09 1.48
CA PHE B 78 6.80 -12.67 1.77
C PHE B 78 7.12 -12.55 3.25
N SER B 79 7.65 -11.39 3.61
CA SER B 79 8.38 -11.25 4.87
C SER B 79 8.07 -9.90 5.50
N LEU B 80 8.41 -9.82 6.78
CA LEU B 80 8.26 -8.63 7.57
C LEU B 80 9.56 -8.43 8.34
N ARG B 81 9.95 -7.17 8.49
CA ARG B 81 11.09 -6.82 9.30
C ARG B 81 10.66 -5.65 10.17
N LEU B 82 11.01 -5.71 11.45
CA LEU B 82 10.62 -4.69 12.42
C LEU B 82 11.84 -4.34 13.24
N ARG B 83 12.24 -3.08 13.17
CA ARG B 83 13.48 -2.63 13.77
C ARG B 83 13.26 -2.16 15.20
N SER B 84 14.29 -2.38 16.03
CA SER B 84 14.35 -1.86 17.40
C SER B 84 13.11 -2.25 18.21
N VAL B 85 12.87 -3.57 18.29
CA VAL B 85 11.68 -4.07 18.96
C VAL B 85 11.66 -3.68 20.43
N THR B 86 10.45 -3.40 20.94
CA THR B 86 10.17 -3.06 22.33
C THR B 86 9.19 -4.08 22.89
N ALA B 87 9.13 -4.21 24.22
CA ALA B 87 8.15 -5.10 24.85
C ALA B 87 6.73 -4.87 24.31
N ALA B 88 6.41 -3.64 23.89
CA ALA B 88 5.11 -3.34 23.31
C ALA B 88 4.90 -4.02 21.95
N ASP B 89 5.94 -4.62 21.37
CA ASP B 89 5.82 -5.36 20.13
C ASP B 89 5.51 -6.84 20.35
N THR B 90 5.40 -7.29 21.61
CA THR B 90 4.94 -8.64 21.87
C THR B 90 3.51 -8.81 21.35
N ALA B 91 3.30 -9.85 20.55
CA ALA B 91 2.02 -10.02 19.88
C ALA B 91 2.04 -11.34 19.12
N ILE B 92 0.87 -11.73 18.66
CA ILE B 92 0.76 -12.73 17.60
C ILE B 92 0.74 -11.97 16.28
N TYR B 93 1.55 -12.41 15.33
CA TYR B 93 1.65 -11.80 14.00
C TYR B 93 1.00 -12.72 12.98
N TYR B 94 0.11 -12.16 12.16
CA TYR B 94 -0.63 -12.90 11.16
C TYR B 94 -0.26 -12.41 9.77
N CYS B 95 -0.11 -13.36 8.83
CA CYS B 95 -0.04 -13.03 7.42
C CYS B 95 -1.36 -13.38 6.75
N ALA B 96 -1.66 -12.70 5.66
CA ALA B 96 -2.97 -12.84 5.03
C ALA B 96 -2.90 -12.38 3.58
N ARG B 97 -3.78 -12.94 2.77
CA ARG B 97 -3.92 -12.51 1.39
C ARG B 97 -5.10 -11.57 1.28
N ASP B 98 -4.88 -10.40 0.68
CA ASP B 98 -5.97 -9.47 0.44
C ASP B 98 -6.89 -10.01 -0.64
N LYS B 99 -8.18 -9.72 -0.50
CA LYS B 99 -9.16 -10.09 -1.52
C LYS B 99 -9.03 -9.21 -2.76
N TYR B 100 -9.20 -9.80 -3.94
CA TYR B 100 -8.99 -9.12 -5.22
C TYR B 100 -9.70 -7.77 -5.28
N GLN B 101 -8.92 -6.71 -5.52
CA GLN B 101 -9.46 -5.35 -5.67
C GLN B 101 -10.30 -4.93 -4.47
N THR B 102 -9.91 -5.40 -3.29
CA THR B 102 -10.42 -4.89 -2.03
C THR B 102 -9.24 -4.75 -1.09
N ASP B 103 -9.45 -4.05 0.02
CA ASP B 103 -8.44 -4.03 1.09
C ASP B 103 -8.92 -4.82 2.31
N VAL B 104 -9.75 -5.84 2.13
CA VAL B 104 -10.02 -6.80 3.20
C VAL B 104 -9.18 -8.04 2.92
N SER B 105 -9.01 -8.88 3.94
CA SER B 105 -8.16 -10.06 3.86
C SER B 105 -9.00 -11.30 4.12
N ASP B 106 -9.02 -12.23 3.16
CA ASP B 106 -9.92 -13.37 3.26
C ASP B 106 -9.21 -14.71 3.48
N ILE B 107 -7.90 -14.78 3.31
CA ILE B 107 -7.13 -15.98 3.62
C ILE B 107 -6.07 -15.60 4.64
N TRP B 108 -6.02 -16.32 5.77
CA TRP B 108 -5.14 -16.02 6.88
C TRP B 108 -4.26 -17.21 7.24
N GLY B 109 -3.05 -16.93 7.72
CA GLY B 109 -2.28 -17.93 8.42
C GLY B 109 -2.75 -18.13 9.86
N GLN B 110 -2.14 -19.10 10.53
CA GLN B 110 -2.45 -19.38 11.93
C GLN B 110 -1.82 -18.36 12.89
N GLY B 111 -0.88 -17.55 12.42
CA GLY B 111 -0.20 -16.63 13.31
C GLY B 111 1.05 -17.24 13.92
N THR B 112 1.97 -16.37 14.30
CA THR B 112 3.17 -16.79 15.00
C THR B 112 3.35 -15.91 16.23
N VAL B 113 3.56 -16.55 17.37
CA VAL B 113 3.72 -15.82 18.62
C VAL B 113 5.13 -15.24 18.68
N VAL B 114 5.22 -13.94 18.94
CA VAL B 114 6.50 -13.28 19.12
C VAL B 114 6.49 -12.67 20.51
N THR B 115 7.48 -13.04 21.32
CA THR B 115 7.70 -12.43 22.62
C THR B 115 9.03 -11.69 22.57
N VAL B 116 9.03 -10.43 22.98
CA VAL B 116 10.25 -9.65 23.06
C VAL B 116 10.50 -9.32 24.52
N SER B 117 11.62 -9.83 25.03
CA SER B 117 11.98 -9.71 26.44
C SER B 117 13.46 -9.98 26.58
N SER B 118 14.04 -9.43 27.63
CA SER B 118 15.42 -9.71 27.99
C SER B 118 15.55 -10.77 29.09
N ALA B 119 14.43 -11.35 29.53
CA ALA B 119 14.48 -12.37 30.58
C ALA B 119 15.19 -13.62 30.07
N SER B 120 15.91 -14.29 30.98
CA SER B 120 16.53 -15.57 30.67
C SER B 120 15.56 -16.70 30.95
N THR B 121 15.76 -17.82 30.25
CA THR B 121 14.93 -19.00 30.46
C THR B 121 15.02 -19.47 31.92
N LYS B 122 13.86 -19.66 32.54
CA LYS B 122 13.80 -19.97 33.98
C LYS B 122 12.61 -20.88 34.27
N GLY B 123 12.88 -21.98 34.97
CA GLY B 123 11.85 -22.90 35.41
C GLY B 123 11.01 -22.31 36.53
N PRO B 124 9.78 -22.79 36.68
CA PRO B 124 8.88 -22.21 37.69
C PRO B 124 9.15 -22.76 39.08
N SER B 125 8.77 -21.97 40.08
CA SER B 125 8.54 -22.47 41.43
C SER B 125 7.06 -22.82 41.56
N VAL B 126 6.76 -23.92 42.24
CA VAL B 126 5.39 -24.37 42.40
C VAL B 126 5.04 -24.35 43.87
N PHE B 127 4.06 -23.52 44.23
CA PHE B 127 3.69 -23.40 45.64
C PHE B 127 2.29 -23.95 45.85
N PRO B 128 2.04 -24.63 46.96
CA PRO B 128 0.72 -25.19 47.20
C PRO B 128 -0.27 -24.09 47.58
N LEU B 129 -1.50 -24.25 47.12
CA LEU B 129 -2.66 -23.50 47.60
C LEU B 129 -3.47 -24.50 48.44
N ALA B 130 -3.23 -24.50 49.78
CA ALA B 130 -3.76 -25.59 50.59
C ALA B 130 -5.26 -25.41 50.84
N PRO B 131 -6.01 -26.51 50.89
CA PRO B 131 -7.45 -26.40 51.21
C PRO B 131 -7.67 -26.12 52.69
N SER B 132 -8.85 -25.59 52.98
CA SER B 132 -9.34 -25.48 54.36
C SER B 132 -10.84 -25.23 54.33
N SER B 133 -11.46 -25.28 55.51
CA SER B 133 -12.91 -25.28 55.67
C SER B 133 -13.65 -24.29 54.78
N GLY B 139 -20.35 -28.56 51.29
CA GLY B 139 -19.32 -29.56 51.47
C GLY B 139 -18.33 -29.72 50.30
N THR B 140 -17.87 -28.61 49.74
CA THR B 140 -16.83 -28.65 48.71
C THR B 140 -15.65 -27.78 49.13
N ALA B 141 -14.45 -28.23 48.81
CA ALA B 141 -13.22 -27.50 49.08
C ALA B 141 -12.48 -27.19 47.80
N ALA B 142 -11.70 -26.11 47.81
CA ALA B 142 -10.83 -25.76 46.70
C ALA B 142 -9.39 -25.89 47.13
N LEU B 143 -8.55 -26.41 46.23
CA LEU B 143 -7.11 -26.46 46.45
C LEU B 143 -6.46 -26.18 45.11
N GLY B 144 -5.13 -26.00 45.12
CA GLY B 144 -4.49 -25.65 43.87
C GLY B 144 -3.00 -25.51 44.00
N CYS B 145 -2.40 -25.08 42.89
CA CYS B 145 -0.96 -24.88 42.77
C CYS B 145 -0.74 -23.50 42.20
N LEU B 146 0.19 -22.76 42.79
CA LEU B 146 0.62 -21.48 42.25
C LEU B 146 1.94 -21.73 41.54
N VAL B 147 1.95 -21.55 40.23
CA VAL B 147 3.13 -21.79 39.39
C VAL B 147 3.71 -20.42 39.04
N LYS B 148 4.79 -20.04 39.72
CA LYS B 148 5.25 -18.66 39.74
C LYS B 148 6.66 -18.54 39.18
N ASP B 149 6.93 -17.40 38.55
CA ASP B 149 8.28 -16.94 38.20
C ASP B 149 8.97 -17.85 37.17
N TYR B 150 8.34 -17.96 36.00
CA TYR B 150 8.93 -18.74 34.93
C TYR B 150 8.98 -17.93 33.65
N PHE B 151 9.84 -18.36 32.75
CA PHE B 151 9.98 -17.74 31.44
C PHE B 151 10.64 -18.72 30.48
N PRO B 152 10.19 -18.75 29.22
CA PRO B 152 9.01 -18.06 28.69
C PRO B 152 7.76 -18.92 28.84
N GLU B 153 6.65 -18.47 28.26
CA GLU B 153 5.48 -19.32 28.09
C GLU B 153 5.84 -20.50 27.19
N PRO B 154 5.10 -21.63 27.28
CA PRO B 154 4.00 -21.97 28.19
C PRO B 154 4.41 -22.93 29.32
N VAL B 155 3.60 -23.02 30.37
CA VAL B 155 3.61 -24.19 31.25
C VAL B 155 2.32 -24.96 31.02
N THR B 156 2.37 -26.27 31.27
CA THR B 156 1.19 -27.12 31.30
C THR B 156 0.98 -27.63 32.73
N VAL B 157 -0.29 -27.69 33.18
CA VAL B 157 -0.66 -28.18 34.50
C VAL B 157 -1.81 -29.16 34.37
N SER B 158 -1.72 -30.30 35.05
CA SER B 158 -2.85 -31.20 35.23
C SER B 158 -2.68 -31.89 36.57
N TRP B 159 -3.68 -32.67 36.99
CA TRP B 159 -3.74 -33.19 38.35
C TRP B 159 -3.78 -34.71 38.38
N ASN B 160 -3.08 -35.27 39.36
CA ASN B 160 -3.15 -36.69 39.70
C ASN B 160 -2.93 -37.59 38.49
N SER B 161 -1.95 -37.26 37.66
CA SER B 161 -1.50 -38.14 36.57
C SER B 161 -2.69 -38.64 35.74
N GLY B 162 -3.51 -37.69 35.29
CA GLY B 162 -4.63 -37.98 34.43
C GLY B 162 -5.92 -38.38 35.13
N ALA B 163 -5.92 -38.60 36.45
CA ALA B 163 -7.12 -39.09 37.11
C ALA B 163 -8.08 -37.98 37.56
N LEU B 164 -7.70 -36.70 37.46
CA LEU B 164 -8.53 -35.64 38.00
C LEU B 164 -8.65 -34.53 36.95
N THR B 165 -9.84 -34.41 36.37
CA THR B 165 -10.11 -33.40 35.36
C THR B 165 -11.35 -32.58 35.68
N SER B 166 -12.37 -33.20 36.25
CA SER B 166 -13.58 -32.47 36.65
C SER B 166 -13.25 -31.46 37.73
N GLY B 167 -13.71 -30.23 37.55
CA GLY B 167 -13.56 -29.21 38.55
C GLY B 167 -12.23 -28.48 38.51
N VAL B 168 -11.42 -28.70 37.48
CA VAL B 168 -10.11 -28.09 37.38
C VAL B 168 -10.21 -26.79 36.59
N HIS B 169 -9.63 -25.73 37.13
CA HIS B 169 -9.49 -24.48 36.38
C HIS B 169 -8.02 -24.10 36.36
N THR B 170 -7.44 -24.06 35.17
CA THR B 170 -6.09 -23.54 35.01
C THR B 170 -6.19 -22.18 34.36
N PHE B 171 -5.71 -21.16 35.06
CA PHE B 171 -5.95 -19.80 34.62
C PHE B 171 -4.90 -19.34 33.62
N PRO B 172 -5.24 -18.36 32.77
CA PRO B 172 -4.22 -17.75 31.91
C PRO B 172 -3.11 -17.15 32.75
N ALA B 173 -1.88 -17.30 32.27
CA ALA B 173 -0.74 -16.71 32.96
C ALA B 173 -0.78 -15.19 32.86
N VAL B 174 -0.23 -14.52 33.88
CA VAL B 174 -0.03 -13.08 33.81
C VAL B 174 1.48 -12.81 33.82
N LEU B 175 1.87 -11.71 33.18
CA LEU B 175 3.27 -11.29 33.17
C LEU B 175 3.49 -10.33 34.33
N GLN B 176 4.47 -10.64 35.17
CA GLN B 176 4.79 -9.82 36.32
C GLN B 176 5.77 -8.70 35.92
N SER B 177 5.89 -7.70 36.80
CA SER B 177 6.78 -6.59 36.52
C SER B 177 8.23 -7.05 36.45
N SER B 178 8.55 -8.16 37.11
CA SER B 178 9.87 -8.77 37.00
C SER B 178 10.18 -9.27 35.60
N GLY B 179 9.17 -9.41 34.75
CA GLY B 179 9.38 -10.01 33.44
C GLY B 179 9.13 -11.50 33.39
N LEU B 180 8.81 -12.14 34.52
CA LEU B 180 8.50 -13.56 34.59
C LEU B 180 6.99 -13.77 34.70
N TYR B 181 6.55 -14.95 34.27
CA TYR B 181 5.12 -15.26 34.27
C TYR B 181 4.73 -15.97 35.57
N SER B 182 3.43 -15.98 35.81
CA SER B 182 2.85 -16.66 36.97
C SER B 182 1.42 -17.06 36.61
N LEU B 183 1.04 -18.28 37.00
CA LEU B 183 -0.35 -18.72 36.86
C LEU B 183 -0.71 -19.63 38.02
N SER B 184 -2.01 -19.84 38.20
CA SER B 184 -2.52 -20.75 39.20
C SER B 184 -3.42 -21.80 38.54
N SER B 185 -3.40 -23.00 39.11
CA SER B 185 -4.35 -24.03 38.74
C SER B 185 -5.06 -24.47 40.01
N VAL B 186 -6.39 -24.49 39.97
CA VAL B 186 -7.17 -24.88 41.14
C VAL B 186 -8.12 -25.98 40.73
N VAL B 187 -8.60 -26.71 41.73
CA VAL B 187 -9.61 -27.74 41.55
C VAL B 187 -10.51 -27.72 42.78
N THR B 188 -11.80 -27.90 42.56
CA THR B 188 -12.75 -28.04 43.66
C THR B 188 -13.10 -29.51 43.80
N VAL B 189 -13.15 -29.98 45.05
CA VAL B 189 -13.32 -31.39 45.37
C VAL B 189 -14.23 -31.52 46.57
N PRO B 190 -14.79 -32.71 46.83
CA PRO B 190 -15.55 -32.92 48.06
C PRO B 190 -14.66 -32.74 49.28
N SER B 191 -15.12 -31.91 50.22
CA SER B 191 -14.36 -31.69 51.45
C SER B 191 -14.12 -32.99 52.20
N SER B 192 -14.97 -34.00 51.99
CA SER B 192 -14.81 -35.29 52.66
C SER B 192 -13.64 -36.08 52.12
N SER B 193 -13.15 -35.76 50.93
CA SER B 193 -12.03 -36.48 50.36
C SER B 193 -10.68 -35.96 50.83
N LEU B 194 -10.65 -34.88 51.62
CA LEU B 194 -9.38 -34.24 51.97
C LEU B 194 -8.53 -35.09 52.91
N GLY B 195 -9.15 -36.00 53.66
CA GLY B 195 -8.37 -36.84 54.55
C GLY B 195 -7.72 -38.03 53.88
N THR B 196 -8.28 -38.49 52.77
CA THR B 196 -7.86 -39.75 52.17
C THR B 196 -7.27 -39.58 50.78
N GLN B 197 -7.81 -38.70 49.95
CA GLN B 197 -7.34 -38.55 48.59
C GLN B 197 -6.08 -37.69 48.57
N THR B 198 -5.03 -38.19 47.92
CA THR B 198 -3.84 -37.39 47.67
C THR B 198 -4.02 -36.56 46.42
N TYR B 199 -3.59 -35.30 46.47
CA TYR B 199 -3.69 -34.42 45.30
C TYR B 199 -2.30 -33.94 44.92
N ILE B 200 -1.92 -34.18 43.67
CA ILE B 200 -0.61 -33.87 43.14
C ILE B 200 -0.82 -33.05 41.88
N CYS B 201 -0.26 -31.85 41.83
CA CYS B 201 -0.32 -31.10 40.59
C CYS B 201 0.95 -31.38 39.77
N ASN B 202 0.75 -31.79 38.52
CA ASN B 202 1.84 -32.19 37.62
C ASN B 202 2.11 -31.01 36.70
N VAL B 203 3.28 -30.39 36.84
CA VAL B 203 3.62 -29.18 36.07
C VAL B 203 4.73 -29.51 35.09
N ASN B 204 4.60 -29.01 33.86
CA ASN B 204 5.64 -29.15 32.85
C ASN B 204 6.00 -27.79 32.30
N HIS B 205 7.30 -27.50 32.21
CA HIS B 205 7.83 -26.29 31.56
C HIS B 205 8.90 -26.79 30.59
N LYS B 206 8.49 -27.08 29.36
CA LYS B 206 9.42 -27.64 28.37
C LYS B 206 10.59 -26.72 28.06
N PRO B 207 10.43 -25.38 27.94
CA PRO B 207 11.62 -24.54 27.67
C PRO B 207 12.81 -24.80 28.58
N SER B 208 12.59 -25.08 29.86
CA SER B 208 13.71 -25.30 30.77
C SER B 208 13.92 -26.77 31.11
N ASN B 209 13.17 -27.67 30.49
CA ASN B 209 13.16 -29.08 30.87
C ASN B 209 12.90 -29.21 32.38
N THR B 210 11.80 -28.63 32.82
CA THR B 210 11.39 -28.73 34.21
C THR B 210 10.11 -29.55 34.28
N LYS B 211 10.07 -30.48 35.24
CA LYS B 211 8.86 -31.14 35.68
C LYS B 211 8.75 -30.96 37.18
N VAL B 212 7.56 -30.61 37.66
CA VAL B 212 7.29 -30.55 39.08
C VAL B 212 6.03 -31.37 39.37
N ASP B 213 6.05 -32.15 40.45
CA ASP B 213 4.87 -32.86 40.93
C ASP B 213 4.75 -32.58 42.43
N LYS B 214 3.89 -31.63 42.76
CA LYS B 214 3.81 -31.05 44.09
C LYS B 214 2.58 -31.61 44.77
N ARG B 215 2.77 -32.37 45.85
CA ARG B 215 1.61 -32.81 46.59
C ARG B 215 1.03 -31.62 47.34
N VAL B 216 -0.29 -31.46 47.29
CA VAL B 216 -0.98 -30.35 47.92
C VAL B 216 -1.78 -30.91 49.10
N GLU B 217 -1.37 -30.57 50.29
CA GLU B 217 -1.84 -31.15 51.53
C GLU B 217 -2.59 -30.11 52.37
N PRO B 218 -3.64 -30.49 53.11
CA PRO B 218 -4.27 -29.53 54.03
C PRO B 218 -3.28 -29.05 55.08
N LYS B 219 -3.34 -27.77 55.40
CA LYS B 219 -2.40 -27.20 56.36
C LYS B 219 -2.88 -27.46 57.80
N SER B 220 -1.98 -27.92 58.66
CA SER B 220 -2.29 -28.18 60.05
C SER B 220 -2.03 -26.95 60.91
N CYS B 221 -2.44 -27.03 62.17
CA CYS B 221 -2.41 -25.91 63.12
C CYS B 221 -1.79 -26.30 64.46
N ASP C 1 -7.50 10.10 9.61
CA ASP C 1 -7.43 8.94 10.50
C ASP C 1 -8.78 8.60 11.12
N ILE C 2 -9.27 7.38 10.86
CA ILE C 2 -10.63 6.97 11.19
C ILE C 2 -10.60 6.01 12.38
N GLN C 3 -11.30 6.36 13.45
CA GLN C 3 -11.49 5.44 14.56
C GLN C 3 -12.90 4.83 14.49
N MET C 4 -13.00 3.59 14.91
CA MET C 4 -14.31 2.97 15.02
C MET C 4 -14.59 2.54 16.44
N THR C 5 -15.82 2.80 16.87
CA THR C 5 -16.33 2.41 18.19
C THR C 5 -17.40 1.35 18.00
N GLN C 6 -17.17 0.16 18.54
CA GLN C 6 -18.18 -0.88 18.51
C GLN C 6 -19.00 -0.87 19.80
N SER C 7 -20.29 -1.17 19.66
CA SER C 7 -21.17 -1.38 20.81
C SER C 7 -22.16 -2.51 20.50
N PRO C 8 -22.64 -3.21 21.55
CA PRO C 8 -22.17 -3.07 22.93
C PRO C 8 -20.79 -3.73 23.07
N GLY C 9 -20.12 -3.56 24.22
CA GLY C 9 -18.87 -4.26 24.41
C GLY C 9 -19.05 -5.77 24.51
N THR C 10 -20.14 -6.20 25.13
CA THR C 10 -20.43 -7.62 25.32
C THR C 10 -21.90 -7.86 25.08
N LEU C 11 -22.21 -8.96 24.40
CA LEU C 11 -23.58 -9.32 24.05
C LEU C 11 -23.83 -10.71 24.59
N SER C 12 -24.85 -10.84 25.46
CA SER C 12 -25.18 -12.10 26.14
C SER C 12 -26.48 -12.63 25.55
N LEU C 13 -26.40 -13.76 24.85
CA LEU C 13 -27.55 -14.25 24.10
C LEU C 13 -27.58 -15.77 24.18
N SER C 14 -28.74 -16.33 23.80
CA SER C 14 -28.93 -17.77 23.69
C SER C 14 -28.90 -18.18 22.22
N PRO C 15 -28.52 -19.42 21.91
CA PRO C 15 -28.71 -19.94 20.55
C PRO C 15 -30.14 -19.71 20.09
N GLY C 16 -30.28 -19.32 18.82
CA GLY C 16 -31.58 -19.03 18.24
C GLY C 16 -32.00 -17.58 18.28
N GLU C 17 -31.36 -16.76 19.13
CA GLU C 17 -31.72 -15.36 19.26
C GLU C 17 -31.00 -14.53 18.18
N ARG C 18 -31.54 -13.33 17.96
CA ARG C 18 -30.99 -12.38 17.00
C ARG C 18 -29.91 -11.53 17.65
N ALA C 19 -28.77 -11.38 16.98
CA ALA C 19 -27.67 -10.58 17.48
C ALA C 19 -27.46 -9.39 16.55
N THR C 20 -27.47 -8.18 17.14
CA THR C 20 -27.23 -6.94 16.41
C THR C 20 -25.98 -6.29 16.98
N LEU C 21 -24.94 -6.19 16.16
CA LEU C 21 -23.69 -5.56 16.56
C LEU C 21 -23.55 -4.24 15.81
N SER C 22 -23.14 -3.20 16.51
CA SER C 22 -23.02 -1.86 15.96
C SER C 22 -21.55 -1.43 15.86
N CYS C 23 -21.29 -0.58 14.88
CA CYS C 23 -19.96 -0.01 14.65
C CYS C 23 -20.19 1.42 14.22
N ARG C 24 -19.51 2.37 14.88
CA ARG C 24 -19.66 3.78 14.55
C ARG C 24 -18.30 4.37 14.23
N ALA C 25 -18.18 4.98 13.05
CA ALA C 25 -16.92 5.56 12.61
C ALA C 25 -16.84 7.03 13.00
N SER C 26 -15.60 7.51 13.21
CA SER C 26 -15.39 8.91 13.57
C SER C 26 -15.63 9.86 12.40
N GLN C 27 -15.67 9.36 11.16
CA GLN C 27 -16.07 10.15 10.00
C GLN C 27 -16.95 9.29 9.12
N SER C 28 -17.68 9.94 8.21
CA SER C 28 -18.50 9.19 7.26
C SER C 28 -17.60 8.36 6.34
N ILE C 29 -17.96 7.10 6.17
CA ILE C 29 -17.26 6.26 5.21
C ILE C 29 -18.11 6.19 3.95
N THR C 30 -18.00 7.21 3.09
CA THR C 30 -18.87 7.31 1.92
C THR C 30 -18.67 6.17 0.94
N SER C 31 -17.50 5.52 0.96
CA SER C 31 -17.24 4.37 0.11
C SER C 31 -17.94 3.11 0.58
N SER C 32 -18.45 3.08 1.82
CA SER C 32 -18.98 1.85 2.41
C SER C 32 -17.93 0.74 2.49
N PHE C 33 -16.64 1.11 2.54
CA PHE C 33 -15.57 0.15 2.80
C PHE C 33 -15.52 -0.11 4.30
N LEU C 34 -16.47 -0.93 4.75
CA LEU C 34 -16.58 -1.40 6.13
C LEU C 34 -16.75 -2.92 6.10
N ALA C 35 -15.92 -3.62 6.85
CA ALA C 35 -15.92 -5.07 6.88
C ALA C 35 -16.10 -5.57 8.31
N TRP C 36 -16.50 -6.83 8.45
CA TRP C 36 -16.67 -7.49 9.74
C TRP C 36 -15.92 -8.81 9.74
N TYR C 37 -15.20 -9.07 10.84
CA TYR C 37 -14.45 -10.30 11.04
C TYR C 37 -14.90 -11.00 12.32
N GLN C 38 -14.82 -12.32 12.30
CA GLN C 38 -15.07 -13.15 13.47
C GLN C 38 -13.75 -13.73 13.94
N GLN C 39 -13.53 -13.78 15.26
CA GLN C 39 -12.36 -14.44 15.81
C GLN C 39 -12.75 -15.26 17.02
N LYS C 40 -12.50 -16.55 16.95
CA LYS C 40 -12.63 -17.39 18.14
C LYS C 40 -11.30 -17.46 18.86
N PRO C 41 -11.30 -17.82 20.15
CA PRO C 41 -10.04 -17.82 20.89
C PRO C 41 -9.01 -18.74 20.25
N GLY C 42 -7.77 -18.25 20.21
CA GLY C 42 -6.65 -19.02 19.70
C GLY C 42 -6.58 -19.18 18.20
N GLN C 43 -7.44 -18.52 17.44
CA GLN C 43 -7.51 -18.70 16.01
C GLN C 43 -7.38 -17.36 15.31
N ALA C 44 -7.06 -17.44 14.02
CA ALA C 44 -6.98 -16.26 13.17
C ALA C 44 -8.37 -15.73 12.85
N PRO C 45 -8.50 -14.43 12.59
CA PRO C 45 -9.81 -13.88 12.22
C PRO C 45 -10.31 -14.50 10.92
N ARG C 46 -11.60 -14.31 10.68
CA ARG C 46 -12.30 -14.88 9.54
C ARG C 46 -13.19 -13.80 8.95
N LEU C 47 -13.00 -13.51 7.66
CA LEU C 47 -13.79 -12.47 7.01
C LEU C 47 -15.24 -12.91 6.88
N LEU C 48 -16.17 -12.06 7.31
CA LEU C 48 -17.60 -12.32 7.18
C LEU C 48 -18.28 -11.44 6.14
N ILE C 49 -18.06 -10.14 6.21
CA ILE C 49 -18.81 -9.14 5.45
C ILE C 49 -17.79 -8.13 4.93
N TYR C 50 -17.98 -7.64 3.70
CA TYR C 50 -17.18 -6.54 3.20
C TYR C 50 -18.08 -5.64 2.37
N GLY C 51 -17.55 -4.46 2.02
CA GLY C 51 -18.39 -3.48 1.35
C GLY C 51 -19.67 -3.21 2.11
N ALA C 52 -19.60 -3.40 3.44
CA ALA C 52 -20.66 -3.13 4.41
C ALA C 52 -21.79 -4.17 4.38
N SER C 53 -22.07 -4.78 3.21
CA SER C 53 -23.24 -5.66 3.11
C SER C 53 -23.04 -6.90 2.25
N SER C 54 -21.86 -7.10 1.65
CA SER C 54 -21.57 -8.29 0.86
C SER C 54 -21.03 -9.39 1.76
N ARG C 55 -21.63 -10.58 1.66
CA ARG C 55 -21.14 -11.75 2.37
C ARG C 55 -19.89 -12.29 1.69
N ALA C 56 -18.87 -12.61 2.48
CA ALA C 56 -17.71 -13.29 1.95
C ALA C 56 -18.08 -14.70 1.51
N THR C 57 -17.24 -15.26 0.63
CA THR C 57 -17.48 -16.59 0.09
C THR C 57 -17.54 -17.63 1.19
N GLY C 58 -18.59 -18.45 1.18
CA GLY C 58 -18.74 -19.52 2.15
C GLY C 58 -19.40 -19.12 3.45
N ILE C 59 -19.77 -17.85 3.63
CA ILE C 59 -20.32 -17.40 4.91
C ILE C 59 -21.81 -17.67 4.94
N PRO C 60 -22.34 -18.25 6.03
CA PRO C 60 -23.77 -18.55 6.10
C PRO C 60 -24.63 -17.31 5.95
N ASP C 61 -25.84 -17.50 5.41
CA ASP C 61 -26.78 -16.42 5.13
C ASP C 61 -27.34 -15.76 6.38
N ARG C 62 -27.19 -16.37 7.57
CA ARG C 62 -27.65 -15.70 8.79
C ARG C 62 -26.82 -14.45 9.10
N PHE C 63 -25.63 -14.32 8.51
CA PHE C 63 -24.81 -13.12 8.65
C PHE C 63 -25.21 -12.12 7.58
N SER C 64 -25.56 -10.91 8.00
CA SER C 64 -25.83 -9.82 7.06
C SER C 64 -25.24 -8.53 7.62
N GLY C 65 -24.80 -7.67 6.71
CA GLY C 65 -24.31 -6.35 7.08
C GLY C 65 -25.17 -5.28 6.44
N SER C 66 -25.28 -4.14 7.12
CA SER C 66 -26.02 -3.01 6.59
C SER C 66 -25.41 -1.73 7.14
N GLY C 67 -25.93 -0.60 6.69
CA GLY C 67 -25.56 0.70 7.21
C GLY C 67 -24.88 1.56 6.16
N SER C 68 -24.64 2.81 6.56
CA SER C 68 -24.02 3.80 5.67
C SER C 68 -23.54 4.98 6.51
N GLY C 69 -22.75 5.85 5.87
CA GLY C 69 -22.25 7.04 6.55
C GLY C 69 -21.34 6.71 7.71
N THR C 70 -21.77 6.97 8.95
CA THR C 70 -20.95 6.65 10.11
C THR C 70 -21.42 5.43 10.88
N ASP C 71 -22.58 4.86 10.57
CA ASP C 71 -23.18 3.82 11.40
C ASP C 71 -23.42 2.55 10.60
N PHE C 72 -22.85 1.45 11.09
CA PHE C 72 -22.86 0.18 10.40
C PHE C 72 -23.24 -0.91 11.39
N ILE C 73 -23.86 -1.96 10.87
CA ILE C 73 -24.49 -2.98 11.69
C ILE C 73 -24.17 -4.34 11.10
N LEU C 74 -23.75 -5.27 11.96
CA LEU C 74 -23.70 -6.69 11.65
C LEU C 74 -24.86 -7.38 12.36
N THR C 75 -25.66 -8.14 11.61
CA THR C 75 -26.78 -8.89 12.18
C THR C 75 -26.55 -10.38 11.98
N ILE C 76 -26.77 -11.15 13.04
CA ILE C 76 -26.82 -12.59 12.98
C ILE C 76 -28.26 -12.97 13.28
N SER C 77 -28.98 -13.43 12.26
CA SER C 77 -30.43 -13.55 12.37
C SER C 77 -30.83 -14.53 13.47
N ARG C 78 -30.18 -15.70 13.52
CA ARG C 78 -30.39 -16.65 14.61
C ARG C 78 -29.03 -17.21 15.00
N LEU C 79 -28.61 -16.94 16.23
CA LEU C 79 -27.30 -17.42 16.68
C LEU C 79 -27.27 -18.95 16.70
N GLU C 80 -26.21 -19.50 16.17
CA GLU C 80 -25.84 -20.89 16.26
C GLU C 80 -24.76 -21.05 17.32
N PRO C 81 -24.53 -22.27 17.82
CA PRO C 81 -23.50 -22.45 18.87
C PRO C 81 -22.11 -22.01 18.45
N GLU C 82 -21.75 -22.19 17.18
CA GLU C 82 -20.43 -21.80 16.71
C GLU C 82 -20.28 -20.30 16.51
N ASP C 83 -21.30 -19.50 16.78
CA ASP C 83 -21.27 -18.06 16.56
C ASP C 83 -20.84 -17.26 17.79
N PHE C 84 -20.66 -17.90 18.94
CA PHE C 84 -20.21 -17.18 20.12
C PHE C 84 -18.71 -16.98 20.01
N ALA C 85 -18.30 -15.72 19.89
CA ALA C 85 -16.94 -15.35 19.49
C ALA C 85 -16.83 -13.84 19.63
N VAL C 86 -15.68 -13.30 19.24
CA VAL C 86 -15.46 -11.86 19.18
C VAL C 86 -15.65 -11.40 17.74
N TYR C 87 -16.28 -10.25 17.55
CA TYR C 87 -16.49 -9.69 16.22
C TYR C 87 -15.85 -8.32 16.14
N TYR C 88 -15.06 -8.09 15.07
CA TYR C 88 -14.37 -6.84 14.84
C TYR C 88 -14.88 -6.21 13.55
N CYS C 89 -15.14 -4.90 13.57
CA CYS C 89 -15.36 -4.19 12.32
C CYS C 89 -14.05 -3.56 11.86
N GLN C 90 -13.90 -3.42 10.55
CA GLN C 90 -12.68 -2.88 9.94
C GLN C 90 -13.08 -1.91 8.85
N GLN C 91 -12.60 -0.66 8.92
CA GLN C 91 -12.74 0.23 7.78
C GLN C 91 -11.47 0.15 6.93
N TYR C 92 -11.66 0.11 5.63
CA TYR C 92 -10.54 0.02 4.70
C TYR C 92 -10.66 1.12 3.66
N ASP C 93 -11.27 2.24 4.06
CA ASP C 93 -11.45 3.44 3.26
C ASP C 93 -10.20 4.32 3.28
N THR C 94 -9.66 4.59 4.46
CA THR C 94 -8.46 5.41 4.61
C THR C 94 -7.45 4.58 5.40
N SER C 95 -6.48 4.01 4.71
CA SER C 95 -5.64 2.97 5.33
C SER C 95 -6.59 1.88 5.87
N ARG C 96 -6.22 1.17 6.94
CA ARG C 96 -7.07 0.11 7.49
C ARG C 96 -7.03 0.18 9.02
N THR C 97 -8.18 0.29 9.66
CA THR C 97 -8.25 0.33 11.12
C THR C 97 -9.42 -0.51 11.59
N PHE C 98 -9.32 -1.05 12.81
CA PHE C 98 -10.32 -1.94 13.40
C PHE C 98 -10.98 -1.30 14.63
N GLY C 99 -12.21 -1.71 14.91
CA GLY C 99 -12.81 -1.42 16.20
C GLY C 99 -12.20 -2.30 17.28
N GLN C 100 -12.59 -2.07 18.53
CA GLN C 100 -11.99 -2.82 19.62
C GLN C 100 -12.69 -4.14 19.88
N GLY C 101 -13.76 -4.45 19.15
CA GLY C 101 -14.35 -5.78 19.16
C GLY C 101 -15.57 -5.87 20.08
N THR C 102 -16.51 -6.74 19.72
CA THR C 102 -17.67 -7.05 20.55
C THR C 102 -17.66 -8.55 20.81
N THR C 103 -17.81 -8.94 22.09
CA THR C 103 -17.87 -10.35 22.43
C THR C 103 -19.32 -10.81 22.49
N VAL C 104 -19.62 -11.91 21.80
CA VAL C 104 -20.93 -12.55 21.91
C VAL C 104 -20.76 -13.78 22.79
N GLU C 105 -21.45 -13.80 23.93
CA GLU C 105 -21.28 -14.85 24.91
C GLU C 105 -22.63 -15.44 25.26
N ILE C 106 -22.60 -16.63 25.87
CA ILE C 106 -23.83 -17.37 26.13
C ILE C 106 -24.50 -16.83 27.39
N LYS C 107 -25.77 -16.48 27.27
CA LYS C 107 -26.55 -16.07 28.42
C LYS C 107 -26.97 -17.29 29.23
N ARG C 108 -26.93 -17.17 30.56
CA ARG C 108 -27.44 -18.17 31.48
C ARG C 108 -27.95 -17.43 32.73
N THR C 109 -28.53 -18.20 33.66
CA THR C 109 -29.00 -17.61 34.90
C THR C 109 -27.84 -17.05 35.72
N VAL C 110 -28.13 -15.98 36.49
CA VAL C 110 -27.16 -15.44 37.43
C VAL C 110 -26.68 -16.52 38.39
N ALA C 111 -25.36 -16.53 38.63
CA ALA C 111 -24.72 -17.51 39.50
C ALA C 111 -23.66 -16.77 40.32
N ALA C 112 -23.84 -16.75 41.63
CA ALA C 112 -22.88 -16.07 42.49
C ALA C 112 -21.57 -16.87 42.57
N PRO C 113 -20.44 -16.19 42.75
CA PRO C 113 -19.17 -16.91 42.86
C PRO C 113 -18.99 -17.54 44.24
N SER C 114 -18.43 -18.74 44.26
CA SER C 114 -17.84 -19.26 45.50
C SER C 114 -16.47 -18.62 45.68
N VAL C 115 -16.20 -18.13 46.88
CA VAL C 115 -14.99 -17.35 47.14
C VAL C 115 -14.07 -18.13 48.06
N PHE C 116 -12.81 -18.27 47.67
CA PHE C 116 -11.81 -18.91 48.51
C PHE C 116 -10.58 -18.01 48.60
N ILE C 117 -9.97 -17.97 49.77
CA ILE C 117 -8.71 -17.24 49.95
C ILE C 117 -7.64 -18.22 50.40
N PHE C 118 -6.42 -18.02 49.90
CA PHE C 118 -5.30 -18.91 50.18
C PHE C 118 -4.14 -18.08 50.72
N PRO C 119 -3.77 -18.25 52.00
CA PRO C 119 -2.58 -17.56 52.51
C PRO C 119 -1.34 -18.08 51.82
N PRO C 120 -0.23 -17.34 51.84
CA PRO C 120 0.99 -17.82 51.19
C PRO C 120 1.52 -19.07 51.88
N SER C 121 2.24 -19.88 51.10
CA SER C 121 2.82 -21.10 51.63
C SER C 121 4.07 -20.78 52.44
N ASP C 122 4.47 -21.75 53.27
CA ASP C 122 5.71 -21.61 54.01
C ASP C 122 6.92 -21.66 53.07
N GLU C 123 6.92 -22.56 52.10
CA GLU C 123 8.03 -22.65 51.16
C GLU C 123 8.24 -21.34 50.41
N GLN C 124 7.17 -20.56 50.20
CA GLN C 124 7.36 -19.29 49.49
C GLN C 124 7.90 -18.21 50.40
N LEU C 125 7.41 -18.12 51.63
CA LEU C 125 7.89 -17.10 52.56
C LEU C 125 9.38 -17.24 52.82
N LYS C 126 9.94 -18.44 52.63
CA LYS C 126 11.38 -18.61 52.67
C LYS C 126 12.07 -17.88 51.52
N SER C 127 11.39 -17.71 50.38
CA SER C 127 12.00 -17.11 49.21
C SER C 127 12.11 -15.59 49.33
N GLY C 128 11.41 -14.98 50.29
CA GLY C 128 11.41 -13.54 50.44
C GLY C 128 10.20 -12.83 49.86
N THR C 129 9.28 -13.54 49.22
CA THR C 129 8.04 -12.94 48.73
C THR C 129 6.85 -13.70 49.30
N ALA C 130 5.68 -13.09 49.21
CA ALA C 130 4.45 -13.66 49.70
C ALA C 130 3.34 -13.42 48.70
N SER C 131 2.61 -14.47 48.34
CA SER C 131 1.51 -14.39 47.38
C SER C 131 0.24 -14.84 48.08
N VAL C 132 -0.77 -13.98 48.08
CA VAL C 132 -2.10 -14.31 48.59
C VAL C 132 -3.00 -14.44 47.37
N VAL C 133 -3.79 -15.51 47.33
CA VAL C 133 -4.61 -15.81 46.16
C VAL C 133 -6.07 -15.82 46.55
N CYS C 134 -6.89 -15.22 45.71
CA CYS C 134 -8.34 -15.20 45.87
C CYS C 134 -8.97 -15.84 44.64
N LEU C 135 -9.75 -16.89 44.86
CA LEU C 135 -10.42 -17.61 43.79
C LEU C 135 -11.90 -17.29 43.82
N LEU C 136 -12.43 -16.85 42.68
CA LEU C 136 -13.86 -16.67 42.48
C LEU C 136 -14.30 -17.76 41.49
N ASN C 137 -15.09 -18.71 41.96
CA ASN C 137 -15.32 -19.94 41.23
C ASN C 137 -16.73 -20.00 40.65
N ASN C 138 -16.82 -20.21 39.33
CA ASN C 138 -18.06 -20.61 38.64
C ASN C 138 -19.19 -19.60 38.82
N PHE C 139 -18.98 -18.39 38.30
CA PHE C 139 -19.98 -17.34 38.41
C PHE C 139 -20.45 -16.86 37.03
N TYR C 140 -21.59 -16.18 37.05
CA TYR C 140 -22.13 -15.53 35.86
C TYR C 140 -23.03 -14.40 36.35
N PRO C 141 -22.92 -13.21 35.76
CA PRO C 141 -22.11 -12.83 34.59
C PRO C 141 -20.63 -12.57 34.88
N ARG C 142 -19.89 -12.30 33.81
CA ARG C 142 -18.43 -12.21 33.88
C ARG C 142 -17.96 -11.06 34.75
N GLU C 143 -18.75 -9.99 34.86
CA GLU C 143 -18.31 -8.81 35.60
C GLU C 143 -18.27 -9.10 37.09
N ALA C 144 -17.07 -9.00 37.67
CA ALA C 144 -16.90 -9.10 39.12
C ALA C 144 -15.63 -8.35 39.48
N LYS C 145 -15.62 -7.72 40.65
CA LYS C 145 -14.46 -6.96 41.09
C LYS C 145 -13.94 -7.51 42.41
N VAL C 146 -12.61 -7.53 42.53
CA VAL C 146 -11.92 -7.98 43.73
C VAL C 146 -11.15 -6.80 44.30
N GLN C 147 -11.33 -6.56 45.59
CA GLN C 147 -10.56 -5.57 46.32
C GLN C 147 -9.76 -6.26 47.40
N TRP C 148 -8.46 -6.00 47.45
CA TRP C 148 -7.61 -6.49 48.53
C TRP C 148 -7.53 -5.45 49.63
N LYS C 149 -7.64 -5.92 50.88
CA LYS C 149 -7.51 -5.08 52.07
C LYS C 149 -6.52 -5.72 53.01
N VAL C 150 -5.52 -4.94 53.44
CA VAL C 150 -4.51 -5.37 54.39
C VAL C 150 -4.64 -4.44 55.59
N ASP C 151 -5.25 -4.95 56.66
CA ASP C 151 -5.62 -4.13 57.81
C ASP C 151 -6.66 -3.08 57.43
N ASN C 152 -7.59 -3.48 56.55
CA ASN C 152 -8.67 -2.66 56.02
C ASN C 152 -8.18 -1.51 55.15
N ALA C 153 -6.90 -1.48 54.82
CA ALA C 153 -6.37 -0.51 53.87
C ALA C 153 -6.43 -1.11 52.46
N LEU C 154 -7.15 -0.46 51.56
CA LEU C 154 -7.38 -1.01 50.23
C LEU C 154 -6.14 -0.84 49.38
N GLN C 155 -5.76 -1.91 48.68
CA GLN C 155 -4.47 -1.99 47.99
C GLN C 155 -4.58 -1.48 46.56
N SER C 156 -3.44 -1.06 46.02
CA SER C 156 -3.39 -0.55 44.66
C SER C 156 -2.03 -0.90 44.05
N GLY C 157 -2.06 -1.48 42.86
CA GLY C 157 -0.86 -1.69 42.07
C GLY C 157 -0.04 -2.92 42.42
N ASN C 158 -0.51 -3.78 43.33
CA ASN C 158 0.26 -4.93 43.76
C ASN C 158 -0.48 -6.26 43.54
N SER C 159 -1.48 -6.28 42.66
CA SER C 159 -2.25 -7.49 42.44
C SER C 159 -2.58 -7.62 40.96
N GLN C 160 -2.66 -8.87 40.49
CA GLN C 160 -3.01 -9.20 39.12
C GLN C 160 -4.06 -10.30 39.12
N GLU C 161 -4.93 -10.28 38.11
CA GLU C 161 -5.97 -11.28 37.99
C GLU C 161 -6.05 -11.78 36.57
N SER C 162 -6.59 -12.99 36.41
CA SER C 162 -6.93 -13.50 35.09
C SER C 162 -8.19 -14.34 35.23
N VAL C 163 -8.84 -14.58 34.08
CA VAL C 163 -10.18 -15.15 34.04
C VAL C 163 -10.20 -16.27 33.04
N THR C 164 -10.95 -17.33 33.34
CA THR C 164 -11.10 -18.43 32.40
C THR C 164 -12.01 -18.03 31.24
N GLU C 165 -11.94 -18.82 30.17
CA GLU C 165 -12.97 -18.77 29.13
C GLU C 165 -14.29 -19.28 29.68
N GLN C 166 -15.39 -18.85 29.05
CA GLN C 166 -16.70 -19.31 29.48
C GLN C 166 -16.75 -20.83 29.38
N ASP C 167 -17.22 -21.48 30.44
CA ASP C 167 -17.17 -22.94 30.48
C ASP C 167 -18.13 -23.55 29.46
N SER C 168 -17.66 -24.56 28.72
CA SER C 168 -18.44 -25.12 27.63
C SER C 168 -19.69 -25.86 28.10
N LYS C 169 -19.73 -26.26 29.36
CA LYS C 169 -20.84 -27.05 29.89
C LYS C 169 -21.83 -26.20 30.68
N ASP C 170 -21.36 -25.46 31.68
CA ASP C 170 -22.25 -24.66 32.50
C ASP C 170 -22.21 -23.18 32.20
N SER C 171 -21.33 -22.72 31.31
CA SER C 171 -21.32 -21.35 30.81
C SER C 171 -20.97 -20.31 31.89
N THR C 172 -20.24 -20.70 32.92
CA THR C 172 -19.78 -19.79 33.96
C THR C 172 -18.33 -19.38 33.72
N TYR C 173 -17.88 -18.40 34.50
CA TYR C 173 -16.52 -17.92 34.54
C TYR C 173 -15.90 -18.21 35.90
N SER C 174 -14.57 -18.29 35.93
CA SER C 174 -13.82 -18.33 37.18
C SER C 174 -12.72 -17.28 37.13
N LEU C 175 -12.35 -16.77 38.29
CA LEU C 175 -11.40 -15.67 38.35
C LEU C 175 -10.41 -15.90 39.48
N SER C 176 -9.13 -15.62 39.20
CA SER C 176 -8.06 -15.75 40.18
C SER C 176 -7.34 -14.42 40.30
N SER C 177 -7.19 -13.93 41.52
CA SER C 177 -6.48 -12.68 41.81
C SER C 177 -5.35 -12.97 42.79
N THR C 178 -4.14 -12.53 42.44
CA THR C 178 -2.94 -12.76 43.26
C THR C 178 -2.45 -11.44 43.82
N LEU C 179 -2.40 -11.34 45.14
CA LEU C 179 -1.81 -10.20 45.83
C LEU C 179 -0.37 -10.56 46.19
N THR C 180 0.60 -9.82 45.66
CA THR C 180 2.02 -10.10 45.91
C THR C 180 2.66 -9.01 46.75
N LEU C 181 3.31 -9.41 47.84
CA LEU C 181 4.09 -8.53 48.70
C LEU C 181 5.48 -9.11 48.92
N SER C 182 6.38 -8.26 49.38
CA SER C 182 7.64 -8.74 49.94
C SER C 182 7.39 -9.42 51.28
N LYS C 183 8.28 -10.37 51.62
CA LYS C 183 8.18 -11.03 52.92
C LYS C 183 8.21 -10.01 54.06
N ALA C 184 9.04 -8.98 53.94
CA ALA C 184 9.09 -7.94 54.96
C ALA C 184 7.77 -7.22 55.08
N ASP C 185 7.19 -6.81 53.94
CA ASP C 185 5.90 -6.12 53.99
C ASP C 185 4.79 -7.02 54.53
N TYR C 186 4.84 -8.31 54.19
CA TYR C 186 3.78 -9.23 54.62
C TYR C 186 3.71 -9.34 56.15
N GLU C 187 4.85 -9.45 56.81
CA GLU C 187 4.87 -9.57 58.27
C GLU C 187 4.59 -8.24 58.97
N LYS C 188 4.26 -7.19 58.23
CA LYS C 188 3.89 -5.90 58.80
C LYS C 188 2.47 -5.87 59.33
N HIS C 189 1.59 -6.72 58.81
CA HIS C 189 0.16 -6.63 59.08
C HIS C 189 -0.35 -8.01 59.47
N LYS C 190 -1.60 -8.07 59.93
CA LYS C 190 -2.19 -9.33 60.39
C LYS C 190 -3.41 -9.77 59.60
N VAL C 191 -4.29 -8.88 59.16
CA VAL C 191 -5.53 -9.27 58.47
C VAL C 191 -5.39 -9.06 56.97
N TYR C 192 -5.59 -10.13 56.22
CA TYR C 192 -5.58 -10.11 54.78
C TYR C 192 -6.95 -10.58 54.30
N ALA C 193 -7.65 -9.74 53.54
CA ALA C 193 -9.03 -10.00 53.18
C ALA C 193 -9.22 -9.78 51.69
N CYS C 194 -10.20 -10.51 51.15
CA CYS C 194 -10.56 -10.45 49.73
C CYS C 194 -12.04 -10.12 49.64
N GLU C 195 -12.36 -8.89 49.18
CA GLU C 195 -13.75 -8.47 49.05
C GLU C 195 -14.18 -8.56 47.60
N VAL C 196 -15.28 -9.26 47.35
CA VAL C 196 -15.77 -9.48 45.99
C VAL C 196 -17.17 -8.90 45.88
N THR C 197 -17.40 -8.15 44.82
CA THR C 197 -18.71 -7.61 44.50
C THR C 197 -19.17 -8.22 43.18
N HIS C 198 -20.38 -8.77 43.18
CA HIS C 198 -20.91 -9.44 42.00
C HIS C 198 -22.43 -9.35 42.05
N GLN C 199 -23.02 -9.30 40.85
CA GLN C 199 -24.47 -9.12 40.72
C GLN C 199 -25.23 -10.21 41.47
N GLY C 200 -24.67 -11.41 41.57
CA GLY C 200 -25.31 -12.44 42.35
C GLY C 200 -25.20 -12.31 43.86
N LEU C 201 -24.46 -11.32 44.35
CA LEU C 201 -24.23 -11.11 45.78
C LEU C 201 -25.02 -9.90 46.22
N SER C 202 -26.00 -10.11 47.10
CA SER C 202 -26.75 -8.99 47.67
C SER C 202 -25.82 -8.02 48.37
N SER C 203 -24.91 -8.54 49.18
CA SER C 203 -23.90 -7.76 49.87
C SER C 203 -22.52 -8.34 49.55
N PRO C 204 -21.51 -7.49 49.39
CA PRO C 204 -20.17 -7.99 49.08
C PRO C 204 -19.72 -9.04 50.08
N VAL C 205 -19.12 -10.11 49.56
CA VAL C 205 -18.65 -11.23 50.36
C VAL C 205 -17.17 -11.04 50.62
N THR C 206 -16.76 -11.22 51.88
CA THR C 206 -15.37 -11.06 52.28
C THR C 206 -14.85 -12.37 52.83
N LYS C 207 -13.69 -12.79 52.35
CA LYS C 207 -12.95 -13.89 52.93
C LYS C 207 -11.63 -13.32 53.44
N SER C 208 -11.21 -13.79 54.60
CA SER C 208 -10.02 -13.23 55.23
C SER C 208 -9.35 -14.29 56.09
N PHE C 209 -8.07 -14.05 56.37
CA PHE C 209 -7.33 -14.82 57.37
C PHE C 209 -6.47 -13.85 58.16
N ASN C 210 -6.12 -14.27 59.36
CA ASN C 210 -5.14 -13.57 60.18
C ASN C 210 -3.81 -14.29 60.02
N ARG C 211 -2.78 -13.54 59.67
CA ARG C 211 -1.45 -14.12 59.52
C ARG C 211 -1.02 -14.75 60.84
N GLY C 212 -0.87 -16.08 60.83
CA GLY C 212 -0.60 -16.83 62.05
C GLY C 212 -1.60 -17.95 62.28
#